data_4ZFF
#
_entry.id   4ZFF
#
_cell.length_a   87.406
_cell.length_b   313.892
_cell.length_c   51.127
_cell.angle_alpha   90.00
_cell.angle_beta   90.00
_cell.angle_gamma   90.00
#
_symmetry.space_group_name_H-M   'P 21 21 2'
#
loop_
_entity.id
_entity.type
_entity.pdbx_description
1 polymer 'Fragment antigen binding (Fab) 5A12 Heavy chain'
2 polymer 'Fragment antigen binding (Fab) 5A12 Light chain'
3 polymer 'Vascular endothelial growth factor A'
4 non-polymer 'SULFATE ION'
5 water water
#
loop_
_entity_poly.entity_id
_entity_poly.type
_entity_poly.pdbx_seq_one_letter_code
_entity_poly.pdbx_strand_id
1 'polypeptide(L)'
;EVQLVESGGGLVQPGGSLRLSCAASGFTISDYWIHWVRQAPGKGLEWVAGITPAGGYTYYADSVKGRFTISADTSKNTAY
LQMNSLRAEDTAVYYCARFVFFLPYAMDYWGQGTLVTVSSASTKGPSVFPLAPSSKSTSGGTAALGCLVKDYFPEPVTVS
WNSGALTSGVHTFPAVLQSSGLYSLSSVVTVPSSSLGTQTYICNVNHKPSNTKVDKKVEPKSCDKTHT
;
A,H
2 'polypeptide(L)'
;DIQMTQSPSSLSASVGDRVTITCRASQFLSSFGVAWYQQKPGKAPKLLIYGASSLYSGVPSRFSGSGSGTDFTLTISSLQ
PEDFATYYCQQGLLSPLTFGQGTKVEIKRTVAAPSVFIFPPSDEQLKSGTASVVCLLNNFYPREAKVQWKVDNALQSGNS
QESVTEQDSKDSTYSLSSTLTLSKADYEKHKVYACEVTHQGLSSPVTKSFNRGEC
;
B,L
3 'polypeptide(L)'
;HHEVVKFMDVYQRSYCHPIETLVDIFQEYPDEIEYIFKPSCVPLMRCGGCCNDEGLECVPTEESNITMQIMRIKPHQGQH
IGEMSFLQHNKCECRPKKD
;
C,D
#
loop_
_chem_comp.id
_chem_comp.type
_chem_comp.name
_chem_comp.formula
SO4 non-polymer 'SULFATE ION' 'O4 S -2'
#
# COMPACT_ATOMS: atom_id res chain seq x y z
N GLU A 1 32.76 -22.45 -21.70
CA GLU A 1 32.22 -23.63 -21.05
C GLU A 1 31.84 -23.33 -19.60
N VAL A 2 30.56 -23.57 -19.28
CA VAL A 2 30.00 -23.40 -17.95
C VAL A 2 30.58 -24.49 -17.05
N GLN A 3 31.06 -24.09 -15.87
CA GLN A 3 31.66 -24.98 -14.90
C GLN A 3 31.45 -24.50 -13.49
N LEU A 4 31.21 -25.43 -12.58
CA LEU A 4 31.11 -25.17 -11.15
C LEU A 4 32.23 -26.01 -10.54
N VAL A 5 33.11 -25.39 -9.76
CA VAL A 5 34.25 -26.09 -9.18
C VAL A 5 34.24 -25.88 -7.68
N GLU A 6 34.09 -26.98 -6.97
CA GLU A 6 34.03 -27.00 -5.52
C GLU A 6 35.38 -27.22 -4.90
N SER A 7 35.55 -26.78 -3.64
CA SER A 7 36.76 -26.91 -2.82
C SER A 7 36.40 -26.65 -1.35
N GLY A 8 37.32 -26.95 -0.44
CA GLY A 8 37.12 -26.73 0.99
C GLY A 8 36.59 -27.92 1.77
N GLY A 9 36.60 -29.09 1.15
CA GLY A 9 36.18 -30.32 1.80
C GLY A 9 37.32 -31.03 2.51
N GLY A 10 37.01 -32.15 3.12
CA GLY A 10 37.99 -32.94 3.84
C GLY A 10 37.51 -33.34 5.21
N LEU A 11 38.47 -33.70 6.07
CA LEU A 11 38.23 -34.18 7.43
C LEU A 11 37.99 -33.02 8.42
N VAL A 12 36.97 -33.19 9.30
CA VAL A 12 36.57 -32.25 10.37
C VAL A 12 36.26 -33.03 11.66
N GLN A 13 36.70 -32.50 12.83
CA GLN A 13 36.39 -33.12 14.13
C GLN A 13 34.91 -32.84 14.48
N PRO A 14 34.18 -33.75 15.20
CA PRO A 14 32.79 -33.43 15.57
C PRO A 14 32.67 -32.10 16.32
N GLY A 15 31.66 -31.31 15.95
CA GLY A 15 31.42 -29.98 16.49
C GLY A 15 32.20 -28.91 15.76
N GLY A 16 32.89 -29.32 14.69
CA GLY A 16 33.72 -28.42 13.89
C GLY A 16 32.95 -27.56 12.92
N SER A 17 33.70 -26.75 12.17
CA SER A 17 33.21 -25.83 11.15
C SER A 17 33.99 -26.05 9.87
N LEU A 18 33.34 -25.84 8.72
CA LEU A 18 33.94 -26.03 7.41
C LEU A 18 33.21 -25.17 6.39
N ARG A 19 33.95 -24.54 5.48
CA ARG A 19 33.36 -23.71 4.45
C ARG A 19 33.62 -24.27 3.06
N LEU A 20 32.54 -24.61 2.34
CA LEU A 20 32.67 -25.13 0.99
C LEU A 20 32.52 -23.99 0.01
N SER A 21 33.42 -23.93 -0.97
CA SER A 21 33.41 -22.90 -2.01
C SER A 21 32.86 -23.49 -3.29
N CYS A 22 32.12 -22.69 -4.04
CA CYS A 22 31.60 -23.10 -5.33
C CYS A 22 31.98 -22.03 -6.32
N ALA A 23 33.01 -22.31 -7.13
CA ALA A 23 33.52 -21.36 -8.11
C ALA A 23 32.93 -21.55 -9.50
N ALA A 24 32.25 -20.52 -9.96
CA ALA A 24 31.63 -20.48 -11.28
C ALA A 24 32.61 -19.92 -12.31
N SER A 25 32.42 -20.33 -13.57
CA SER A 25 33.17 -19.90 -14.74
C SER A 25 32.30 -20.20 -15.94
N GLY A 26 32.32 -19.32 -16.93
CA GLY A 26 31.49 -19.48 -18.13
C GLY A 26 30.14 -18.81 -18.01
N PHE A 27 29.86 -18.26 -16.81
CA PHE A 27 28.64 -17.54 -16.46
C PHE A 27 28.86 -16.67 -15.22
N THR A 28 27.90 -15.78 -14.94
CA THR A 28 27.90 -14.86 -13.78
C THR A 28 26.97 -15.48 -12.75
N ILE A 29 27.53 -15.78 -11.58
CA ILE A 29 26.85 -16.40 -10.45
C ILE A 29 25.62 -15.57 -9.93
N SER A 30 25.61 -14.22 -10.15
CA SER A 30 24.54 -13.30 -9.72
C SER A 30 23.30 -13.43 -10.59
N ASP A 31 23.46 -13.99 -11.80
CA ASP A 31 22.36 -14.23 -12.72
C ASP A 31 21.61 -15.51 -12.36
N TYR A 32 22.02 -16.24 -11.28
CA TYR A 32 21.42 -17.52 -10.88
C TYR A 32 21.35 -17.73 -9.35
N TRP A 33 20.65 -18.78 -8.92
CA TRP A 33 20.60 -19.20 -7.52
C TRP A 33 21.42 -20.50 -7.42
N ILE A 34 22.43 -20.54 -6.54
CA ILE A 34 23.25 -21.73 -6.32
C ILE A 34 22.68 -22.54 -5.15
N HIS A 35 22.31 -23.82 -5.41
CA HIS A 35 21.75 -24.73 -4.44
C HIS A 35 22.77 -25.75 -3.98
N TRP A 36 22.61 -26.26 -2.76
CA TRP A 36 23.51 -27.27 -2.23
C TRP A 36 22.76 -28.56 -2.02
N VAL A 37 23.33 -29.67 -2.52
CA VAL A 37 22.76 -31.01 -2.43
C VAL A 37 23.80 -31.98 -1.86
N ARG A 38 23.43 -32.83 -0.86
CA ARG A 38 24.37 -33.80 -0.26
C ARG A 38 23.94 -35.27 -0.46
N GLN A 39 24.94 -36.18 -0.52
CA GLN A 39 24.76 -37.63 -0.65
C GLN A 39 25.62 -38.35 0.41
N ALA A 40 24.95 -38.87 1.45
CA ALA A 40 25.59 -39.62 2.54
C ALA A 40 26.04 -40.97 1.97
N PRO A 41 27.20 -41.53 2.40
CA PRO A 41 27.65 -42.82 1.83
C PRO A 41 26.56 -43.88 1.76
N GLY A 42 26.32 -44.36 0.54
CA GLY A 42 25.32 -45.37 0.23
C GLY A 42 23.91 -44.87 0.09
N LYS A 43 23.61 -43.68 0.64
CA LYS A 43 22.28 -43.04 0.66
C LYS A 43 21.97 -42.21 -0.62
N GLY A 44 20.72 -41.76 -0.75
CA GLY A 44 20.25 -40.98 -1.89
C GLY A 44 20.57 -39.50 -1.83
N LEU A 45 19.98 -38.71 -2.72
CA LEU A 45 20.23 -37.25 -2.73
C LEU A 45 19.36 -36.51 -1.71
N GLU A 46 19.98 -35.59 -0.95
CA GLU A 46 19.32 -34.75 0.03
C GLU A 46 19.54 -33.28 -0.31
N TRP A 47 18.44 -32.51 -0.53
CA TRP A 47 18.52 -31.08 -0.82
C TRP A 47 18.84 -30.35 0.49
N VAL A 48 19.95 -29.60 0.50
CA VAL A 48 20.44 -28.95 1.71
C VAL A 48 20.03 -27.51 1.87
N ALA A 49 20.38 -26.65 0.90
CA ALA A 49 20.15 -25.22 0.99
C ALA A 49 20.02 -24.54 -0.34
N GLY A 50 19.33 -23.40 -0.32
CA GLY A 50 19.16 -22.57 -1.51
C GLY A 50 18.05 -21.56 -1.41
N ILE A 51 18.14 -20.47 -2.24
CA ILE A 51 17.08 -19.46 -2.35
C ILE A 51 15.99 -20.19 -3.10
N THR A 52 14.76 -20.10 -2.62
CA THR A 52 13.61 -20.84 -3.11
C THR A 52 12.65 -19.98 -3.96
N PRO A 53 11.98 -20.54 -4.99
CA PRO A 53 11.09 -19.72 -5.82
C PRO A 53 9.82 -19.20 -5.16
N ALA A 54 9.31 -19.91 -4.15
CA ALA A 54 8.07 -19.49 -3.49
C ALA A 54 8.38 -18.54 -2.33
N GLY A 55 8.56 -17.27 -2.68
CA GLY A 55 8.86 -16.21 -1.73
C GLY A 55 10.18 -15.48 -1.96
N GLY A 56 11.21 -16.22 -2.33
CA GLY A 56 12.52 -15.63 -2.57
C GLY A 56 13.48 -15.68 -1.40
N TYR A 57 13.24 -16.48 -0.36
N TYR A 57 13.22 -16.55 -0.41
CA TYR A 57 14.32 -16.49 0.65
CA TYR A 57 14.02 -16.70 0.81
C TYR A 57 14.96 -17.87 0.79
C TYR A 57 14.92 -17.96 0.82
N THR A 58 16.09 -17.88 1.50
CA THR A 58 16.99 -19.01 1.71
C THR A 58 16.37 -20.06 2.65
N TYR A 59 16.12 -21.27 2.14
CA TYR A 59 15.61 -22.39 2.90
C TYR A 59 16.73 -23.37 3.15
N TYR A 60 16.58 -24.14 4.24
CA TYR A 60 17.56 -25.15 4.65
C TYR A 60 16.83 -26.43 5.05
N ALA A 61 17.50 -27.60 4.90
CA ALA A 61 16.97 -28.91 5.31
C ALA A 61 16.86 -28.89 6.84
N ASP A 62 15.79 -29.45 7.41
CA ASP A 62 15.54 -29.44 8.85
C ASP A 62 16.72 -29.87 9.71
N SER A 63 17.50 -30.87 9.26
CA SER A 63 18.71 -31.34 9.97
C SER A 63 19.86 -30.33 9.97
N VAL A 64 19.91 -29.44 8.98
CA VAL A 64 21.00 -28.47 8.84
C VAL A 64 20.59 -27.03 9.19
N LYS A 65 19.27 -26.79 9.26
CA LYS A 65 18.61 -25.53 9.61
C LYS A 65 19.16 -25.10 10.96
N GLY A 66 19.64 -23.87 11.04
CA GLY A 66 20.21 -23.35 12.28
C GLY A 66 21.70 -23.57 12.54
N ARG A 67 22.41 -24.31 11.67
CA ARG A 67 23.86 -24.53 11.81
C ARG A 67 24.56 -24.24 10.48
N PHE A 68 23.78 -24.15 9.39
CA PHE A 68 24.32 -23.89 8.04
C PHE A 68 23.89 -22.53 7.50
N THR A 69 24.82 -21.88 6.78
CA THR A 69 24.61 -20.56 6.18
C THR A 69 25.22 -20.51 4.79
N ILE A 70 24.41 -20.15 3.77
CA ILE A 70 24.88 -19.95 2.39
C ILE A 70 25.15 -18.44 2.21
N SER A 71 26.04 -18.09 1.27
CA SER A 71 26.42 -16.72 0.93
C SER A 71 27.08 -16.71 -0.45
N ALA A 72 27.45 -15.51 -0.97
CA ALA A 72 28.13 -15.37 -2.26
C ALA A 72 29.02 -14.14 -2.34
N ASP A 73 30.16 -14.26 -3.03
CA ASP A 73 31.07 -13.16 -3.25
C ASP A 73 31.02 -12.87 -4.73
N THR A 74 30.28 -11.82 -5.07
CA THR A 74 30.01 -11.41 -6.44
C THR A 74 31.30 -11.09 -7.23
N SER A 75 32.33 -10.47 -6.59
CA SER A 75 33.61 -10.15 -7.27
C SER A 75 34.39 -11.39 -7.63
N LYS A 76 34.34 -12.41 -6.76
CA LYS A 76 35.02 -13.70 -6.93
C LYS A 76 34.21 -14.72 -7.76
N ASN A 77 32.95 -14.36 -8.18
CA ASN A 77 32.01 -15.20 -8.94
C ASN A 77 31.93 -16.59 -8.28
N THR A 78 31.67 -16.59 -6.95
CA THR A 78 31.73 -17.75 -6.09
C THR A 78 30.66 -17.76 -4.99
N ALA A 79 29.98 -18.90 -4.83
CA ALA A 79 29.00 -19.14 -3.78
C ALA A 79 29.69 -19.95 -2.67
N TYR A 80 29.20 -19.88 -1.42
CA TYR A 80 29.78 -20.58 -0.27
C TYR A 80 28.72 -21.26 0.58
N LEU A 81 29.09 -22.35 1.26
CA LEU A 81 28.24 -23.06 2.22
C LEU A 81 29.04 -23.24 3.50
N GLN A 82 28.74 -22.40 4.50
CA GLN A 82 29.40 -22.45 5.80
C GLN A 82 28.63 -23.44 6.66
N MET A 83 29.32 -24.51 7.06
CA MET A 83 28.74 -25.57 7.88
C MET A 83 29.42 -25.56 9.23
N ASN A 84 28.63 -25.35 10.30
CA ASN A 84 29.15 -25.31 11.68
C ASN A 84 28.44 -26.35 12.51
N SER A 85 29.00 -26.63 13.71
CA SER A 85 28.53 -27.61 14.70
C SER A 85 28.27 -28.97 14.03
N LEU A 86 29.24 -29.39 13.21
CA LEU A 86 29.21 -30.60 12.40
C LEU A 86 29.06 -31.85 13.24
N ARG A 87 28.32 -32.80 12.69
CA ARG A 87 28.04 -34.08 13.33
C ARG A 87 28.23 -35.24 12.37
N ALA A 88 28.32 -36.48 12.88
CA ALA A 88 28.51 -37.69 12.09
C ALA A 88 27.59 -37.78 10.85
N GLU A 89 26.28 -37.50 11.03
CA GLU A 89 25.26 -37.52 9.97
C GLU A 89 25.54 -36.52 8.83
N ASP A 90 26.46 -35.54 9.04
CA ASP A 90 26.84 -34.60 7.98
C ASP A 90 27.95 -35.18 7.08
N THR A 91 28.44 -36.42 7.37
CA THR A 91 29.47 -37.07 6.54
C THR A 91 28.79 -37.42 5.20
N ALA A 92 29.22 -36.75 4.12
CA ALA A 92 28.59 -36.91 2.81
C ALA A 92 29.40 -36.22 1.75
N VAL A 93 29.04 -36.51 0.49
CA VAL A 93 29.58 -35.80 -0.66
C VAL A 93 28.62 -34.61 -0.86
N TYR A 94 29.19 -33.40 -0.90
CA TYR A 94 28.46 -32.16 -1.07
C TYR A 94 28.66 -31.61 -2.45
N TYR A 95 27.53 -31.36 -3.15
CA TYR A 95 27.45 -30.78 -4.48
C TYR A 95 26.83 -29.40 -4.41
N CYS A 96 27.23 -28.54 -5.34
CA CYS A 96 26.58 -27.27 -5.56
C CYS A 96 26.02 -27.34 -6.98
N ALA A 97 24.79 -26.87 -7.16
CA ALA A 97 24.12 -26.95 -8.45
C ALA A 97 23.46 -25.64 -8.83
N ARG A 98 23.48 -25.34 -10.13
CA ARG A 98 22.91 -24.15 -10.73
C ARG A 98 21.40 -24.31 -10.91
N PHE A 99 20.62 -23.72 -9.99
CA PHE A 99 19.16 -23.68 -10.05
C PHE A 99 18.79 -22.64 -11.11
N VAL A 100 18.00 -23.06 -12.10
CA VAL A 100 17.70 -22.27 -13.29
C VAL A 100 16.18 -22.00 -13.50
N PHE A 101 15.88 -20.89 -14.21
CA PHE A 101 14.52 -20.45 -14.56
C PHE A 101 14.15 -20.72 -16.00
N PHE A 102 15.13 -20.63 -16.95
CA PHE A 102 14.86 -20.84 -18.38
C PHE A 102 14.49 -22.31 -18.70
N LEU A 103 14.85 -23.25 -17.81
CA LEU A 103 14.46 -24.67 -17.76
C LEU A 103 13.85 -24.66 -16.37
N PRO A 104 12.56 -24.25 -16.26
CA PRO A 104 12.02 -23.94 -14.95
C PRO A 104 12.28 -24.94 -13.84
N TYR A 105 12.90 -24.40 -12.77
CA TYR A 105 13.20 -25.02 -11.47
C TYR A 105 14.06 -26.26 -11.57
N ALA A 106 15.01 -26.27 -12.51
CA ALA A 106 15.90 -27.39 -12.75
C ALA A 106 17.35 -26.99 -12.46
N MET A 107 18.19 -27.96 -12.08
CA MET A 107 19.62 -27.77 -11.83
C MET A 107 20.35 -28.36 -13.02
N ASP A 108 20.80 -27.50 -13.95
CA ASP A 108 21.44 -27.95 -15.19
C ASP A 108 22.95 -28.22 -15.10
N TYR A 109 23.69 -27.47 -14.29
CA TYR A 109 25.12 -27.66 -14.11
C TYR A 109 25.40 -27.92 -12.64
N TRP A 110 26.22 -28.93 -12.35
CA TRP A 110 26.58 -29.37 -11.01
C TRP A 110 28.08 -29.33 -10.79
N GLY A 111 28.48 -29.21 -9.53
CA GLY A 111 29.88 -29.26 -9.14
C GLY A 111 30.31 -30.72 -9.13
N GLN A 112 31.62 -30.99 -9.17
CA GLN A 112 32.13 -32.37 -9.19
C GLN A 112 31.85 -33.12 -7.87
N GLY A 113 31.56 -32.39 -6.81
CA GLY A 113 31.33 -32.95 -5.49
C GLY A 113 32.59 -32.93 -4.67
N THR A 114 32.42 -32.92 -3.36
CA THR A 114 33.51 -32.92 -2.38
C THR A 114 33.07 -33.64 -1.13
N LEU A 115 33.88 -34.59 -0.67
CA LEU A 115 33.56 -35.36 0.52
C LEU A 115 33.98 -34.63 1.80
N VAL A 116 33.04 -34.56 2.74
CA VAL A 116 33.24 -33.98 4.06
C VAL A 116 33.16 -35.17 5.00
N THR A 117 34.24 -35.40 5.77
CA THR A 117 34.29 -36.49 6.73
C THR A 117 34.31 -35.96 8.16
N VAL A 118 33.22 -36.19 8.90
CA VAL A 118 33.12 -35.76 10.29
C VAL A 118 33.63 -36.90 11.19
N SER A 119 34.91 -36.84 11.58
CA SER A 119 35.50 -37.88 12.42
C SER A 119 36.53 -37.36 13.41
N SER A 120 36.61 -38.04 14.57
CA SER A 120 37.58 -37.72 15.62
C SER A 120 38.93 -38.38 15.29
N ALA A 121 38.91 -39.41 14.39
CA ALA A 121 40.10 -40.15 13.92
C ALA A 121 41.06 -39.25 13.15
N SER A 122 42.34 -39.62 13.15
CA SER A 122 43.39 -38.86 12.49
C SER A 122 43.65 -39.32 11.06
N THR A 123 44.27 -38.43 10.29
CA THR A 123 44.68 -38.66 8.91
C THR A 123 45.81 -39.71 8.91
N LYS A 124 45.67 -40.74 8.05
CA LYS A 124 46.67 -41.81 7.92
C LYS A 124 46.97 -42.05 6.45
N GLY A 125 48.24 -41.95 6.09
CA GLY A 125 48.71 -42.17 4.74
C GLY A 125 48.64 -43.63 4.34
N PRO A 126 48.50 -43.95 3.03
CA PRO A 126 48.39 -45.37 2.63
C PRO A 126 49.71 -46.08 2.34
N SER A 127 49.73 -47.39 2.61
CA SER A 127 50.86 -48.25 2.28
C SER A 127 50.52 -48.88 0.94
N VAL A 128 51.49 -48.93 0.02
CA VAL A 128 51.29 -49.49 -1.32
C VAL A 128 52.08 -50.79 -1.49
N PHE A 129 51.37 -51.88 -1.84
CA PHE A 129 51.98 -53.19 -2.08
C PHE A 129 51.63 -53.76 -3.45
N PRO A 130 52.56 -54.44 -4.16
CA PRO A 130 52.21 -54.98 -5.48
C PRO A 130 51.47 -56.31 -5.44
N LEU A 131 50.60 -56.52 -6.44
CA LEU A 131 49.84 -57.76 -6.62
C LEU A 131 50.40 -58.39 -7.90
N ALA A 132 51.51 -59.12 -7.72
CA ALA A 132 52.29 -59.76 -8.79
C ALA A 132 51.70 -61.06 -9.33
N PRO A 133 51.77 -61.28 -10.68
CA PRO A 133 51.23 -62.52 -11.26
C PRO A 133 52.06 -63.76 -10.94
N THR A 142 47.01 -64.35 -21.25
CA THR A 142 46.58 -63.14 -20.55
C THR A 142 46.74 -63.29 -19.02
N ALA A 143 47.43 -62.32 -18.40
CA ALA A 143 47.73 -62.31 -16.96
C ALA A 143 47.15 -61.11 -16.23
N ALA A 144 46.82 -61.31 -14.94
CA ALA A 144 46.31 -60.26 -14.07
C ALA A 144 47.34 -59.84 -13.03
N LEU A 145 47.51 -58.52 -12.87
CA LEU A 145 48.42 -57.89 -11.91
C LEU A 145 47.80 -56.61 -11.36
N GLY A 146 48.19 -56.22 -10.15
CA GLY A 146 47.66 -55.01 -9.55
C GLY A 146 48.45 -54.38 -8.43
N CYS A 147 47.75 -53.56 -7.64
CA CYS A 147 48.27 -52.82 -6.51
C CYS A 147 47.29 -52.89 -5.36
N LEU A 148 47.81 -53.01 -4.14
CA LEU A 148 47.01 -53.02 -2.93
C LEU A 148 47.32 -51.74 -2.16
N VAL A 149 46.31 -50.85 -2.04
CA VAL A 149 46.40 -49.58 -1.31
C VAL A 149 45.79 -49.89 0.05
N LYS A 150 46.66 -50.08 1.04
CA LYS A 150 46.24 -50.49 2.38
C LYS A 150 46.39 -49.43 3.45
N ASP A 151 45.48 -49.51 4.45
CA ASP A 151 45.41 -48.69 5.66
C ASP A 151 45.58 -47.20 5.45
N TYR A 152 44.46 -46.52 5.13
CA TYR A 152 44.44 -45.07 4.96
C TYR A 152 43.18 -44.48 5.52
N PHE A 153 43.25 -43.17 5.81
CA PHE A 153 42.14 -42.40 6.35
C PHE A 153 42.34 -40.90 6.11
N PRO A 154 41.28 -40.13 5.76
CA PRO A 154 39.92 -40.57 5.42
C PRO A 154 39.86 -40.87 3.92
N GLU A 155 38.67 -41.05 3.36
CA GLU A 155 38.56 -41.24 1.91
C GLU A 155 38.76 -39.88 1.23
N PRO A 156 39.21 -39.80 -0.04
CA PRO A 156 39.44 -40.86 -1.03
C PRO A 156 40.90 -41.02 -1.48
N VAL A 157 41.15 -42.02 -2.30
CA VAL A 157 42.45 -42.20 -2.94
C VAL A 157 42.22 -42.13 -4.44
N THR A 158 43.21 -41.64 -5.18
CA THR A 158 43.15 -41.54 -6.64
C THR A 158 44.29 -42.40 -7.21
N VAL A 159 43.97 -43.42 -8.03
CA VAL A 159 45.01 -44.30 -8.59
C VAL A 159 45.10 -44.18 -10.13
N SER A 160 46.32 -44.36 -10.69
CA SER A 160 46.60 -44.31 -12.13
C SER A 160 46.22 -45.63 -12.78
N SER A 163 50.55 -44.23 -15.50
CA SER A 163 50.04 -42.89 -15.80
C SER A 163 49.01 -42.88 -16.94
N GLY A 164 49.41 -43.36 -18.12
CA GLY A 164 48.56 -43.44 -19.29
C GLY A 164 48.49 -44.86 -19.84
N ALA A 165 49.26 -45.76 -19.21
CA ALA A 165 49.36 -47.18 -19.54
C ALA A 165 48.12 -47.89 -19.01
N LEU A 166 47.73 -47.56 -17.77
CA LEU A 166 46.54 -48.14 -17.13
C LEU A 166 45.28 -47.48 -17.74
N THR A 167 44.66 -48.18 -18.74
CA THR A 167 43.47 -47.73 -19.46
C THR A 167 42.45 -48.89 -19.66
N SER A 168 42.80 -49.90 -20.49
CA SER A 168 41.95 -51.06 -20.76
C SER A 168 42.27 -52.18 -19.78
N GLY A 169 41.22 -52.83 -19.29
CA GLY A 169 41.35 -53.92 -18.34
C GLY A 169 41.49 -53.49 -16.90
N VAL A 170 41.58 -52.17 -16.64
CA VAL A 170 41.71 -51.64 -15.28
C VAL A 170 40.41 -51.81 -14.48
N HIS A 171 40.53 -52.25 -13.22
CA HIS A 171 39.41 -52.39 -12.30
C HIS A 171 39.85 -51.89 -10.95
N THR A 172 39.48 -50.65 -10.62
CA THR A 172 39.80 -50.07 -9.33
C THR A 172 38.58 -50.28 -8.46
N PHE A 173 38.74 -51.12 -7.46
CA PHE A 173 37.66 -51.51 -6.59
C PHE A 173 37.24 -50.48 -5.57
N PRO A 174 35.92 -50.41 -5.24
CA PRO A 174 35.48 -49.52 -4.15
C PRO A 174 36.22 -49.86 -2.85
N ALA A 175 36.53 -48.85 -2.02
CA ALA A 175 37.24 -49.06 -0.76
C ALA A 175 36.40 -49.79 0.27
N VAL A 176 37.05 -50.63 1.08
CA VAL A 176 36.37 -51.37 2.14
C VAL A 176 36.85 -50.84 3.48
N LEU A 177 35.95 -50.75 4.46
CA LEU A 177 36.33 -50.28 5.77
C LEU A 177 36.70 -51.46 6.66
N GLN A 178 37.99 -51.54 7.02
CA GLN A 178 38.53 -52.56 7.92
C GLN A 178 38.11 -52.22 9.36
N SER A 179 38.16 -53.20 10.29
CA SER A 179 37.78 -53.03 11.70
C SER A 179 38.62 -51.94 12.40
N SER A 180 39.68 -51.49 11.71
CA SER A 180 40.60 -50.43 12.14
C SER A 180 40.03 -49.03 12.09
N GLY A 181 38.97 -48.84 11.30
CA GLY A 181 38.38 -47.52 11.06
C GLY A 181 39.19 -46.87 9.95
N LEU A 182 39.98 -47.71 9.25
CA LEU A 182 40.86 -47.39 8.13
C LEU A 182 40.41 -48.16 6.91
N TYR A 183 40.65 -47.55 5.75
CA TYR A 183 40.22 -48.04 4.47
C TYR A 183 41.31 -48.80 3.75
N SER A 184 40.90 -49.69 2.82
CA SER A 184 41.77 -50.49 1.98
C SER A 184 41.11 -50.67 0.60
N LEU A 185 41.94 -50.54 -0.45
CA LEU A 185 41.61 -50.53 -1.88
C LEU A 185 42.52 -51.48 -2.67
N SER A 186 42.04 -51.95 -3.85
CA SER A 186 42.79 -52.74 -4.81
C SER A 186 42.51 -52.24 -6.20
N SER A 187 43.56 -52.17 -7.02
CA SER A 187 43.52 -51.76 -8.42
C SER A 187 44.20 -52.87 -9.22
N VAL A 188 43.47 -53.52 -10.13
CA VAL A 188 44.00 -54.61 -10.95
C VAL A 188 43.88 -54.27 -12.44
N VAL A 189 44.72 -54.89 -13.29
CA VAL A 189 44.74 -54.68 -14.75
C VAL A 189 45.16 -55.97 -15.49
N THR A 190 44.29 -56.48 -16.38
CA THR A 190 44.57 -57.67 -17.17
C THR A 190 45.36 -57.24 -18.39
N VAL A 191 46.53 -57.87 -18.57
CA VAL A 191 47.48 -57.57 -19.65
C VAL A 191 47.95 -58.85 -20.36
N PRO A 192 48.37 -58.78 -21.66
CA PRO A 192 48.87 -60.00 -22.33
C PRO A 192 50.21 -60.47 -21.75
N SER A 193 50.37 -61.80 -21.59
CA SER A 193 51.57 -62.43 -21.01
C SER A 193 52.88 -62.11 -21.75
N SER A 194 52.82 -61.85 -23.07
CA SER A 194 53.99 -61.51 -23.89
C SER A 194 54.66 -60.20 -23.43
N SER A 195 53.82 -59.19 -23.10
CA SER A 195 54.24 -57.86 -22.63
C SER A 195 54.74 -57.83 -21.17
N LEU A 196 54.89 -59.00 -20.51
CA LEU A 196 55.36 -59.07 -19.11
C LEU A 196 56.83 -58.64 -18.94
N GLY A 197 57.62 -58.75 -20.01
CA GLY A 197 59.03 -58.36 -20.01
C GLY A 197 59.27 -57.04 -20.72
N THR A 198 58.79 -56.94 -21.98
CA THR A 198 58.93 -55.77 -22.86
C THR A 198 58.31 -54.48 -22.27
N GLN A 199 57.18 -54.60 -21.52
CA GLN A 199 56.48 -53.47 -20.87
C GLN A 199 56.55 -53.52 -19.36
N THR A 200 56.81 -52.35 -18.75
CA THR A 200 56.89 -52.19 -17.30
C THR A 200 55.54 -51.70 -16.78
N TYR A 201 55.06 -52.32 -15.71
CA TYR A 201 53.79 -51.97 -15.09
C TYR A 201 53.99 -51.41 -13.70
N ILE A 202 53.66 -50.11 -13.56
CA ILE A 202 53.74 -49.37 -12.28
C ILE A 202 52.44 -48.57 -12.02
N CYS A 203 51.97 -48.59 -10.76
CA CYS A 203 50.76 -47.89 -10.32
C CYS A 203 51.14 -46.65 -9.50
N ASN A 204 50.53 -45.50 -9.87
CA ASN A 204 50.74 -44.20 -9.23
C ASN A 204 49.49 -43.87 -8.39
N VAL A 205 49.67 -43.72 -7.07
CA VAL A 205 48.57 -43.45 -6.13
C VAL A 205 48.72 -42.04 -5.51
N ASN A 206 47.59 -41.41 -5.12
CA ASN A 206 47.56 -40.09 -4.48
C ASN A 206 46.46 -40.01 -3.43
N HIS A 207 46.86 -39.65 -2.21
CA HIS A 207 45.96 -39.47 -1.07
C HIS A 207 46.19 -38.05 -0.55
N LYS A 208 45.41 -37.09 -1.08
CA LYS A 208 45.48 -35.66 -0.74
C LYS A 208 45.41 -35.35 0.78
N PRO A 209 44.53 -35.97 1.63
CA PRO A 209 44.53 -35.62 3.08
C PRO A 209 45.88 -35.72 3.81
N SER A 210 46.72 -36.71 3.46
CA SER A 210 48.04 -36.90 4.07
C SER A 210 49.17 -36.44 3.12
N ASN A 211 48.80 -35.84 1.96
CA ASN A 211 49.67 -35.34 0.89
C ASN A 211 50.69 -36.42 0.41
N THR A 212 50.19 -37.67 0.29
CA THR A 212 50.97 -38.84 -0.13
C THR A 212 50.83 -39.04 -1.64
N LYS A 213 51.97 -39.25 -2.31
CA LYS A 213 52.04 -39.48 -3.76
C LYS A 213 53.09 -40.58 -4.00
N VAL A 214 52.82 -41.79 -3.47
CA VAL A 214 53.72 -42.93 -3.59
C VAL A 214 53.49 -43.65 -4.92
N ASP A 215 54.58 -43.92 -5.65
CA ASP A 215 54.57 -44.64 -6.92
C ASP A 215 55.19 -46.04 -6.72
N LYS A 216 54.58 -47.08 -7.33
CA LYS A 216 55.10 -48.45 -7.24
C LYS A 216 54.79 -49.27 -8.49
N ASP B 1 6.25 -30.88 4.38
CA ASP B 1 7.24 -31.34 3.41
C ASP B 1 6.66 -32.37 2.44
N ILE B 2 6.66 -32.04 1.13
CA ILE B 2 6.14 -32.93 0.09
C ILE B 2 7.07 -34.10 0.00
N GLN B 3 6.51 -35.30 -0.11
CA GLN B 3 7.30 -36.50 -0.19
C GLN B 3 7.17 -37.06 -1.59
N MET B 4 8.31 -37.48 -2.13
CA MET B 4 8.48 -38.07 -3.46
C MET B 4 8.87 -39.51 -3.24
N THR B 5 8.02 -40.44 -3.69
CA THR B 5 8.25 -41.86 -3.52
C THR B 5 8.33 -42.51 -4.86
N GLN B 6 9.52 -43.04 -5.16
CA GLN B 6 9.79 -43.74 -6.41
C GLN B 6 9.50 -45.23 -6.31
N SER B 7 9.09 -45.83 -7.44
CA SER B 7 8.77 -47.26 -7.54
C SER B 7 9.16 -47.86 -8.94
N PRO B 8 9.91 -49.01 -8.99
CA PRO B 8 10.45 -49.82 -7.88
C PRO B 8 11.67 -49.17 -7.25
N SER B 9 12.10 -49.65 -6.07
CA SER B 9 13.28 -49.08 -5.40
C SER B 9 14.58 -49.37 -6.19
N SER B 10 14.60 -50.45 -7.01
CA SER B 10 15.71 -50.92 -7.85
C SER B 10 15.21 -51.97 -8.82
N LEU B 11 15.40 -51.76 -10.12
CA LEU B 11 14.94 -52.73 -11.09
C LEU B 11 16.10 -53.45 -11.80
N SER B 12 15.77 -54.27 -12.85
CA SER B 12 16.71 -55.06 -13.65
C SER B 12 16.07 -55.50 -14.98
N ALA B 13 16.64 -55.10 -16.13
CA ALA B 13 16.11 -55.47 -17.43
C ALA B 13 17.19 -55.66 -18.49
N SER B 14 16.80 -56.09 -19.69
CA SER B 14 17.70 -56.39 -20.80
C SER B 14 17.93 -55.21 -21.73
N VAL B 15 19.01 -55.27 -22.50
CA VAL B 15 19.32 -54.25 -23.49
C VAL B 15 18.23 -54.34 -24.56
N GLY B 16 17.67 -53.19 -24.93
CA GLY B 16 16.61 -53.09 -25.92
C GLY B 16 15.23 -52.98 -25.30
N ASP B 17 15.12 -53.31 -23.99
CA ASP B 17 13.88 -53.28 -23.23
C ASP B 17 13.38 -51.90 -22.90
N ARG B 18 12.04 -51.77 -22.84
CA ARG B 18 11.33 -50.56 -22.43
C ARG B 18 11.10 -50.69 -20.93
N VAL B 19 11.65 -49.75 -20.16
CA VAL B 19 11.51 -49.70 -18.69
C VAL B 19 10.87 -48.37 -18.28
N THR B 20 10.10 -48.36 -17.17
CA THR B 20 9.45 -47.14 -16.67
C THR B 20 9.55 -47.02 -15.14
N ILE B 21 10.12 -45.90 -14.66
CA ILE B 21 10.25 -45.55 -13.24
C ILE B 21 9.08 -44.62 -12.89
N THR B 22 8.45 -44.84 -11.74
CA THR B 22 7.31 -44.06 -11.27
C THR B 22 7.67 -43.28 -10.03
N CYS B 23 7.28 -42.01 -10.02
CA CYS B 23 7.43 -41.14 -8.88
C CYS B 23 6.06 -40.67 -8.46
N ARG B 24 5.71 -40.95 -7.19
CA ARG B 24 4.42 -40.59 -6.61
C ARG B 24 4.61 -39.49 -5.55
N ALA B 25 3.86 -38.37 -5.72
CA ALA B 25 3.90 -37.19 -4.86
C ALA B 25 2.87 -37.30 -3.72
N SER B 26 3.25 -36.82 -2.51
CA SER B 26 2.35 -36.84 -1.34
C SER B 26 1.14 -35.88 -1.49
N GLN B 27 1.17 -34.95 -2.48
CA GLN B 27 0.10 -34.00 -2.81
C GLN B 27 0.18 -33.58 -4.28
N PHE B 28 -0.87 -32.95 -4.81
CA PHE B 28 -0.91 -32.48 -6.19
C PHE B 28 0.22 -31.49 -6.48
N LEU B 29 0.91 -31.73 -7.60
CA LEU B 29 1.99 -30.90 -8.11
C LEU B 29 1.69 -30.55 -9.55
N SER B 30 1.83 -29.26 -9.86
CA SER B 30 1.65 -28.77 -11.21
C SER B 30 2.89 -29.23 -12.00
N SER B 31 2.64 -29.92 -13.12
CA SER B 31 3.67 -30.54 -13.96
C SER B 31 4.57 -29.52 -14.71
N PHE B 32 5.43 -28.81 -13.95
CA PHE B 32 6.45 -27.86 -14.39
C PHE B 32 7.46 -27.66 -13.28
N GLY B 33 7.13 -28.20 -12.12
CA GLY B 33 8.01 -28.21 -10.96
C GLY B 33 8.69 -29.56 -10.78
N VAL B 34 8.42 -30.54 -11.69
CA VAL B 34 8.97 -31.93 -11.64
C VAL B 34 10.17 -32.15 -12.59
N ALA B 35 11.31 -32.58 -12.03
CA ALA B 35 12.55 -32.86 -12.76
C ALA B 35 13.04 -34.31 -12.53
N TRP B 36 13.65 -34.94 -13.55
CA TRP B 36 14.28 -36.28 -13.49
C TRP B 36 15.78 -36.15 -13.72
N TYR B 37 16.61 -36.78 -12.86
CA TYR B 37 18.08 -36.78 -12.90
C TYR B 37 18.66 -38.21 -12.94
N GLN B 38 19.80 -38.41 -13.64
CA GLN B 38 20.53 -39.68 -13.72
C GLN B 38 21.84 -39.56 -12.94
N GLN B 39 22.15 -40.53 -12.07
CA GLN B 39 23.41 -40.49 -11.32
C GLN B 39 24.23 -41.78 -11.44
N LYS B 40 25.41 -41.67 -12.11
CA LYS B 40 26.40 -42.76 -12.27
C LYS B 40 27.17 -42.90 -10.93
N PRO B 41 27.62 -44.10 -10.50
CA PRO B 41 28.35 -44.21 -9.22
C PRO B 41 29.56 -43.28 -9.07
N GLY B 42 29.61 -42.58 -7.93
CA GLY B 42 30.66 -41.61 -7.61
C GLY B 42 30.79 -40.46 -8.58
N LYS B 43 29.65 -40.03 -9.16
CA LYS B 43 29.58 -38.96 -10.13
C LYS B 43 28.44 -38.03 -9.79
N ALA B 44 28.55 -36.77 -10.19
CA ALA B 44 27.50 -35.79 -9.95
C ALA B 44 26.29 -36.10 -10.82
N PRO B 45 25.06 -35.88 -10.30
CA PRO B 45 23.85 -36.15 -11.11
C PRO B 45 23.81 -35.31 -12.39
N LYS B 46 23.12 -35.81 -13.41
CA LYS B 46 22.96 -35.12 -14.70
C LYS B 46 21.47 -34.99 -14.96
N LEU B 47 21.04 -33.80 -15.42
CA LEU B 47 19.64 -33.52 -15.71
C LEU B 47 19.18 -34.21 -16.98
N LEU B 48 18.07 -34.97 -16.89
CA LEU B 48 17.45 -35.67 -18.02
C LEU B 48 16.20 -34.97 -18.50
N ILE B 49 15.19 -34.86 -17.62
CA ILE B 49 13.88 -34.27 -17.89
C ILE B 49 13.57 -33.15 -16.92
N TYR B 50 12.99 -32.05 -17.44
CA TYR B 50 12.54 -30.93 -16.64
C TYR B 50 11.11 -30.63 -17.04
N GLY B 51 10.34 -30.07 -16.11
CA GLY B 51 8.94 -29.73 -16.32
C GLY B 51 8.11 -30.93 -16.70
N ALA B 52 8.41 -32.09 -16.06
CA ALA B 52 7.80 -33.42 -16.19
C ALA B 52 7.97 -34.07 -17.54
N SER B 53 7.90 -33.33 -18.66
CA SER B 53 7.99 -33.92 -19.99
C SER B 53 9.10 -33.35 -20.94
N SER B 54 9.78 -32.26 -20.56
CA SER B 54 10.79 -31.67 -21.43
C SER B 54 12.15 -32.33 -21.32
N LEU B 55 12.61 -32.83 -22.47
CA LEU B 55 13.89 -33.50 -22.60
C LEU B 55 14.97 -32.47 -22.72
N TYR B 56 15.95 -32.57 -21.82
CA TYR B 56 17.10 -31.67 -21.79
C TYR B 56 17.99 -31.89 -23.01
N SER B 57 18.55 -30.79 -23.56
CA SER B 57 19.43 -30.83 -24.72
C SER B 57 20.61 -31.77 -24.54
N GLY B 58 20.81 -32.62 -25.55
CA GLY B 58 21.90 -33.59 -25.61
C GLY B 58 21.64 -34.92 -24.93
N VAL B 59 20.47 -35.07 -24.31
CA VAL B 59 20.06 -36.31 -23.64
C VAL B 59 19.44 -37.22 -24.72
N PRO B 60 19.81 -38.52 -24.80
CA PRO B 60 19.22 -39.41 -25.82
C PRO B 60 17.69 -39.45 -25.80
N SER B 61 17.10 -39.57 -27.03
CA SER B 61 15.67 -39.61 -27.32
C SER B 61 14.91 -40.77 -26.64
N ARG B 62 15.63 -41.83 -26.25
CA ARG B 62 15.02 -42.96 -25.57
C ARG B 62 14.40 -42.50 -24.25
N PHE B 63 15.00 -41.46 -23.63
CA PHE B 63 14.49 -40.89 -22.38
C PHE B 63 13.28 -39.97 -22.64
N SER B 64 12.21 -40.20 -21.89
CA SER B 64 10.97 -39.43 -21.95
C SER B 64 10.38 -39.41 -20.56
N GLY B 65 9.61 -38.36 -20.28
CA GLY B 65 8.96 -38.18 -19.00
C GLY B 65 7.52 -37.79 -19.19
N SER B 66 6.66 -38.23 -18.26
CA SER B 66 5.25 -37.90 -18.35
C SER B 66 4.59 -37.85 -16.98
N GLY B 67 3.30 -37.55 -16.97
CA GLY B 67 2.49 -37.51 -15.77
C GLY B 67 1.90 -36.15 -15.41
N SER B 68 1.04 -36.15 -14.39
CA SER B 68 0.37 -34.97 -13.84
C SER B 68 -0.17 -35.27 -12.45
N GLY B 69 -0.40 -34.21 -11.67
CA GLY B 69 -0.95 -34.28 -10.33
C GLY B 69 -0.02 -34.90 -9.32
N THR B 70 -0.22 -36.20 -9.07
CA THR B 70 0.59 -36.96 -8.10
C THR B 70 1.45 -38.04 -8.75
N ASP B 71 1.11 -38.46 -9.98
CA ASP B 71 1.89 -39.52 -10.63
C ASP B 71 2.67 -39.05 -11.84
N PHE B 72 3.99 -39.20 -11.73
CA PHE B 72 4.98 -38.84 -12.74
C PHE B 72 5.81 -40.06 -13.07
N THR B 73 6.16 -40.21 -14.35
CA THR B 73 6.94 -41.36 -14.82
C THR B 73 8.10 -40.94 -15.70
N LEU B 74 9.14 -41.79 -15.75
CA LEU B 74 10.32 -41.67 -16.60
C LEU B 74 10.44 -42.98 -17.35
N THR B 75 10.48 -42.91 -18.67
CA THR B 75 10.58 -44.07 -19.54
C THR B 75 11.88 -44.03 -20.33
N ILE B 76 12.54 -45.20 -20.42
CA ILE B 76 13.71 -45.45 -21.25
C ILE B 76 13.13 -46.46 -22.23
N SER B 77 12.90 -46.03 -23.48
CA SER B 77 12.26 -46.85 -24.49
C SER B 77 13.08 -48.07 -24.93
N SER B 78 14.42 -47.93 -24.92
CA SER B 78 15.36 -48.96 -25.31
C SER B 78 16.58 -48.89 -24.39
N LEU B 79 16.56 -49.66 -23.31
CA LEU B 79 17.62 -49.68 -22.30
C LEU B 79 18.96 -50.04 -22.91
N GLN B 80 20.01 -49.32 -22.48
CA GLN B 80 21.38 -49.46 -22.98
C GLN B 80 22.33 -49.78 -21.84
N PRO B 81 23.53 -50.38 -22.08
CA PRO B 81 24.45 -50.70 -20.95
C PRO B 81 24.86 -49.47 -20.14
N GLU B 82 25.11 -48.33 -20.85
CA GLU B 82 25.50 -47.04 -20.25
C GLU B 82 24.40 -46.46 -19.32
N ASP B 83 23.13 -46.92 -19.49
CA ASP B 83 21.95 -46.52 -18.69
C ASP B 83 21.97 -47.06 -17.25
N PHE B 84 23.03 -47.81 -16.88
CA PHE B 84 23.25 -48.29 -15.53
C PHE B 84 23.50 -47.02 -14.72
N ALA B 85 22.65 -46.78 -13.73
CA ALA B 85 22.69 -45.56 -12.89
C ALA B 85 21.57 -45.61 -11.86
N THR B 86 21.53 -44.62 -10.96
CA THR B 86 20.43 -44.44 -10.01
C THR B 86 19.70 -43.22 -10.53
N TYR B 87 18.37 -43.32 -10.66
CA TYR B 87 17.52 -42.26 -11.18
C TYR B 87 16.69 -41.64 -10.07
N TYR B 88 16.66 -40.30 -10.02
CA TYR B 88 15.95 -39.52 -9.00
C TYR B 88 14.99 -38.55 -9.67
N CYS B 89 13.85 -38.34 -9.03
CA CYS B 89 12.89 -37.33 -9.43
C CYS B 89 13.05 -36.22 -8.40
N GLN B 90 12.69 -35.00 -8.76
CA GLN B 90 12.82 -33.89 -7.86
C GLN B 90 11.70 -32.87 -8.06
N GLN B 91 11.11 -32.36 -6.97
CA GLN B 91 10.14 -31.28 -7.04
C GLN B 91 10.87 -29.98 -6.64
N GLY B 92 10.83 -28.98 -7.52
CA GLY B 92 11.53 -27.73 -7.31
C GLY B 92 10.71 -26.46 -7.12
N LEU B 93 9.38 -26.60 -6.91
CA LEU B 93 8.48 -25.46 -6.74
C LEU B 93 8.20 -25.09 -5.30
N LEU B 94 7.63 -26.03 -4.55
CA LEU B 94 7.25 -25.83 -3.17
C LEU B 94 8.40 -26.08 -2.21
N SER B 95 8.51 -25.27 -1.16
CA SER B 95 9.57 -25.38 -0.17
C SER B 95 9.26 -26.46 0.87
N PRO B 96 10.25 -27.28 1.26
CA PRO B 96 11.63 -27.32 0.75
C PRO B 96 11.70 -28.17 -0.51
N LEU B 97 12.70 -27.89 -1.36
CA LEU B 97 12.86 -28.65 -2.59
C LEU B 97 13.30 -30.03 -2.17
N THR B 98 12.75 -31.06 -2.80
CA THR B 98 12.99 -32.42 -2.35
C THR B 98 13.20 -33.41 -3.50
N PHE B 99 14.07 -34.41 -3.25
CA PHE B 99 14.40 -35.48 -4.19
C PHE B 99 13.72 -36.77 -3.75
N GLY B 100 13.44 -37.64 -4.72
CA GLY B 100 12.91 -38.96 -4.45
C GLY B 100 13.99 -39.84 -3.89
N GLN B 101 13.59 -41.00 -3.35
CA GLN B 101 14.43 -42.05 -2.74
C GLN B 101 15.49 -42.62 -3.72
N GLY B 102 15.14 -42.68 -5.00
CA GLY B 102 15.99 -43.22 -6.05
C GLY B 102 15.56 -44.59 -6.53
N THR B 103 15.84 -44.90 -7.81
CA THR B 103 15.58 -46.18 -8.46
C THR B 103 16.90 -46.61 -9.12
N LYS B 104 17.44 -47.78 -8.71
CA LYS B 104 18.70 -48.30 -9.26
C LYS B 104 18.39 -49.11 -10.51
N VAL B 105 18.96 -48.73 -11.64
CA VAL B 105 18.74 -49.50 -12.86
C VAL B 105 19.96 -50.36 -13.09
N GLU B 106 19.74 -51.68 -13.17
CA GLU B 106 20.77 -52.69 -13.44
C GLU B 106 20.44 -53.33 -14.81
N ILE B 107 21.49 -53.74 -15.54
CA ILE B 107 21.32 -54.34 -16.88
C ILE B 107 21.42 -55.87 -16.77
N LYS B 108 20.68 -56.58 -17.63
CA LYS B 108 20.63 -58.04 -17.73
C LYS B 108 21.19 -58.46 -19.08
N ARG B 109 22.21 -59.33 -19.04
CA ARG B 109 22.89 -59.91 -20.20
C ARG B 109 22.98 -61.43 -20.01
N THR B 110 23.58 -62.14 -20.99
CA THR B 110 23.79 -63.59 -20.93
C THR B 110 24.74 -63.90 -19.79
N VAL B 111 24.61 -65.11 -19.21
CA VAL B 111 25.47 -65.55 -18.12
C VAL B 111 26.93 -65.62 -18.64
N ALA B 112 27.89 -65.17 -17.80
CA ALA B 112 29.34 -65.18 -18.09
C ALA B 112 30.10 -65.55 -16.82
N ALA B 113 31.11 -66.42 -16.96
CA ALA B 113 31.87 -66.95 -15.84
C ALA B 113 33.08 -66.08 -15.39
N PRO B 114 33.37 -66.00 -14.06
CA PRO B 114 34.52 -65.21 -13.60
C PRO B 114 35.87 -65.87 -13.76
N SER B 115 36.81 -65.17 -14.39
CA SER B 115 38.19 -65.62 -14.53
C SER B 115 38.84 -65.38 -13.15
N VAL B 116 39.20 -66.47 -12.45
CA VAL B 116 39.72 -66.38 -11.09
C VAL B 116 41.27 -66.26 -11.03
N PHE B 117 41.79 -65.46 -10.06
CA PHE B 117 43.21 -65.19 -9.82
C PHE B 117 43.48 -65.11 -8.33
N ILE B 118 44.63 -65.62 -7.89
CA ILE B 118 45.07 -65.57 -6.49
C ILE B 118 46.40 -64.83 -6.43
N PHE B 119 46.56 -63.97 -5.41
CA PHE B 119 47.75 -63.17 -5.21
C PHE B 119 48.28 -63.40 -3.79
N PRO B 120 49.56 -63.78 -3.66
CA PRO B 120 50.10 -63.99 -2.31
C PRO B 120 50.48 -62.66 -1.65
N PRO B 121 50.61 -62.58 -0.31
CA PRO B 121 51.03 -61.30 0.29
C PRO B 121 52.47 -61.00 -0.10
N SER B 122 52.79 -59.71 -0.31
CA SER B 122 54.12 -59.28 -0.73
C SER B 122 55.14 -59.38 0.41
N ASP B 123 56.43 -59.37 0.04
CA ASP B 123 57.60 -59.42 0.93
C ASP B 123 57.56 -58.20 1.85
N GLU B 124 57.38 -57.00 1.25
CA GLU B 124 57.31 -55.68 1.91
C GLU B 124 56.32 -55.69 3.08
N GLN B 125 55.09 -56.19 2.84
CA GLN B 125 54.01 -56.27 3.81
C GLN B 125 54.32 -57.26 4.93
N LEU B 126 54.99 -58.38 4.57
CA LEU B 126 55.38 -59.42 5.52
C LEU B 126 56.35 -58.86 6.56
N LYS B 127 57.26 -57.95 6.12
CA LYS B 127 58.23 -57.26 6.98
C LYS B 127 57.53 -56.36 8.03
N SER B 128 56.31 -55.90 7.71
CA SER B 128 55.48 -55.04 8.57
C SER B 128 54.71 -55.84 9.65
N GLY B 129 54.58 -57.16 9.45
CA GLY B 129 53.91 -58.05 10.40
C GLY B 129 52.45 -58.38 10.12
N THR B 130 52.01 -58.15 8.87
CA THR B 130 50.65 -58.43 8.40
C THR B 130 50.70 -59.09 7.00
N ALA B 131 49.75 -59.99 6.73
CA ALA B 131 49.61 -60.70 5.46
C ALA B 131 48.21 -60.54 4.89
N SER B 132 48.14 -60.00 3.68
CA SER B 132 46.90 -59.79 2.94
C SER B 132 46.91 -60.67 1.69
N VAL B 133 46.03 -61.67 1.66
CA VAL B 133 45.92 -62.59 0.53
C VAL B 133 44.68 -62.18 -0.26
N VAL B 134 44.88 -61.75 -1.51
CA VAL B 134 43.71 -61.29 -2.27
C VAL B 134 43.33 -62.24 -3.40
N CYS B 135 42.03 -62.30 -3.68
CA CYS B 135 41.46 -63.11 -4.73
C CYS B 135 40.63 -62.27 -5.67
N LEU B 136 40.93 -62.33 -6.95
CA LEU B 136 40.19 -61.58 -7.96
C LEU B 136 39.27 -62.49 -8.78
N LEU B 137 38.00 -62.07 -8.95
CA LEU B 137 36.97 -62.74 -9.75
C LEU B 137 36.69 -61.74 -10.87
N ASN B 138 37.20 -62.01 -12.06
CA ASN B 138 37.10 -61.03 -13.12
C ASN B 138 36.05 -61.28 -14.19
N ASN B 139 35.28 -60.22 -14.54
CA ASN B 139 34.24 -60.16 -15.57
C ASN B 139 33.19 -61.29 -15.49
N PHE B 140 32.12 -61.10 -14.71
CA PHE B 140 31.08 -62.11 -14.54
C PHE B 140 29.66 -61.57 -14.40
N TYR B 141 28.69 -62.28 -15.03
CA TYR B 141 27.27 -61.97 -14.95
C TYR B 141 26.42 -63.24 -14.67
N PRO B 142 25.50 -63.24 -13.66
CA PRO B 142 25.09 -62.15 -12.74
C PRO B 142 26.07 -61.89 -11.59
N ARG B 143 25.83 -60.81 -10.82
CA ARG B 143 26.73 -60.37 -9.73
C ARG B 143 26.77 -61.33 -8.52
N GLU B 144 25.78 -62.22 -8.35
CA GLU B 144 25.78 -63.16 -7.22
C GLU B 144 26.81 -64.26 -7.43
N ALA B 145 27.73 -64.37 -6.47
CA ALA B 145 28.85 -65.32 -6.49
C ALA B 145 29.34 -65.52 -5.07
N LYS B 146 29.92 -66.70 -4.82
CA LYS B 146 30.45 -67.08 -3.51
C LYS B 146 31.94 -67.39 -3.60
N VAL B 147 32.70 -66.92 -2.59
CA VAL B 147 34.14 -67.12 -2.44
C VAL B 147 34.36 -67.80 -1.09
N GLN B 148 35.03 -68.95 -1.08
CA GLN B 148 35.35 -69.66 0.15
C GLN B 148 36.85 -69.77 0.32
N TRP B 149 37.30 -69.60 1.58
CA TRP B 149 38.69 -69.67 1.98
C TRP B 149 38.96 -70.66 3.11
N LYS B 150 39.89 -71.59 2.86
CA LYS B 150 40.31 -72.64 3.79
C LYS B 150 41.82 -72.79 3.79
N VAL B 151 42.41 -72.71 4.99
CA VAL B 151 43.85 -72.85 5.20
C VAL B 151 44.21 -74.33 5.42
N ASP B 152 45.11 -74.86 4.56
CA ASP B 152 45.55 -76.26 4.54
C ASP B 152 44.32 -77.18 4.37
N ASN B 153 43.51 -76.88 3.32
CA ASN B 153 42.31 -77.58 2.88
C ASN B 153 41.22 -77.65 3.96
N SER B 157 36.58 -69.41 7.36
CA SER B 157 37.21 -69.14 8.66
C SER B 157 36.89 -67.73 9.18
N GLY B 158 36.64 -66.80 8.26
CA GLY B 158 36.33 -65.40 8.57
C GLY B 158 37.19 -64.45 7.76
N ASN B 159 37.24 -63.16 8.17
CA ASN B 159 38.02 -62.08 7.53
C ASN B 159 37.72 -61.89 6.03
N SER B 160 36.59 -62.42 5.54
CA SER B 160 36.17 -62.32 4.15
C SER B 160 35.60 -60.93 3.82
N GLN B 161 36.50 -59.91 3.77
CA GLN B 161 36.16 -58.51 3.47
C GLN B 161 36.20 -58.32 1.95
N GLU B 162 35.08 -58.66 1.30
CA GLU B 162 34.95 -58.56 -0.15
C GLU B 162 34.40 -57.19 -0.59
N SER B 163 34.80 -56.77 -1.79
CA SER B 163 34.41 -55.53 -2.44
C SER B 163 33.99 -55.88 -3.86
N VAL B 164 32.85 -55.33 -4.31
CA VAL B 164 32.34 -55.61 -5.65
C VAL B 164 32.33 -54.31 -6.45
N THR B 165 32.85 -54.38 -7.68
CA THR B 165 32.90 -53.27 -8.62
C THR B 165 31.48 -52.97 -9.09
N GLU B 166 31.23 -51.73 -9.54
CA GLU B 166 29.92 -51.38 -10.04
C GLU B 166 29.80 -51.93 -11.44
N GLN B 167 28.59 -52.37 -11.82
CA GLN B 167 28.32 -52.91 -13.15
C GLN B 167 28.98 -52.06 -14.24
N ASP B 168 29.67 -52.69 -15.18
CA ASP B 168 30.37 -52.00 -16.25
C ASP B 168 29.41 -51.33 -17.23
N SER B 169 29.73 -50.08 -17.61
CA SER B 169 28.93 -49.26 -18.51
C SER B 169 28.95 -49.73 -19.98
N LYS B 170 29.87 -50.65 -20.34
CA LYS B 170 30.01 -51.16 -21.70
C LYS B 170 29.61 -52.61 -21.83
N ASP B 171 30.18 -53.52 -20.99
CA ASP B 171 29.85 -54.94 -21.12
C ASP B 171 28.88 -55.48 -20.05
N SER B 172 28.40 -54.63 -19.09
CA SER B 172 27.44 -55.00 -18.03
C SER B 172 27.95 -56.08 -17.06
N THR B 173 29.28 -56.32 -17.04
CA THR B 173 29.87 -57.35 -16.19
C THR B 173 30.51 -56.78 -14.95
N TYR B 174 30.40 -57.53 -13.86
CA TYR B 174 30.94 -57.16 -12.55
C TYR B 174 32.30 -57.86 -12.33
N SER B 175 33.07 -57.36 -11.36
CA SER B 175 34.35 -57.91 -10.93
C SER B 175 34.31 -57.89 -9.41
N LEU B 176 34.96 -58.84 -8.75
CA LEU B 176 34.92 -58.90 -7.28
C LEU B 176 36.28 -59.31 -6.68
N SER B 177 36.68 -58.61 -5.61
CA SER B 177 37.94 -58.89 -4.92
C SER B 177 37.65 -59.32 -3.48
N SER B 178 38.19 -60.48 -3.06
CA SER B 178 38.02 -60.97 -1.69
C SER B 178 39.39 -60.97 -0.98
N THR B 179 39.48 -60.28 0.16
CA THR B 179 40.73 -60.13 0.90
C THR B 179 40.63 -60.53 2.36
N LEU B 180 41.46 -61.51 2.76
CA LEU B 180 41.55 -61.98 4.14
C LEU B 180 42.89 -61.59 4.69
N THR B 181 42.85 -61.01 5.87
CA THR B 181 44.00 -60.44 6.55
C THR B 181 44.37 -61.24 7.80
N LEU B 182 45.67 -61.59 7.92
CA LEU B 182 46.24 -62.34 9.04
C LEU B 182 47.61 -61.81 9.44
N SER B 183 47.98 -61.98 10.74
CA SER B 183 49.29 -61.56 11.28
C SER B 183 50.39 -62.41 10.63
N LYS B 184 51.65 -61.90 10.60
CA LYS B 184 52.78 -62.66 10.03
C LYS B 184 52.88 -64.04 10.72
N ALA B 185 52.70 -64.07 12.06
CA ALA B 185 52.73 -65.27 12.90
C ALA B 185 51.74 -66.34 12.42
N ASP B 186 50.47 -65.97 12.20
CA ASP B 186 49.43 -66.87 11.71
C ASP B 186 49.69 -67.36 10.29
N TYR B 187 50.17 -66.47 9.41
CA TYR B 187 50.50 -66.79 8.03
C TYR B 187 51.65 -67.82 7.94
N GLU B 188 52.64 -67.74 8.86
CA GLU B 188 53.79 -68.67 8.92
C GLU B 188 53.36 -70.10 9.34
N LYS B 189 52.26 -70.22 10.12
CA LYS B 189 51.71 -71.49 10.61
C LYS B 189 51.15 -72.44 9.53
N HIS B 190 50.90 -71.95 8.31
CA HIS B 190 50.32 -72.79 7.26
C HIS B 190 51.07 -72.68 5.91
N LYS B 191 50.76 -73.59 4.96
CA LYS B 191 51.45 -73.64 3.67
C LYS B 191 50.54 -73.56 2.42
N VAL B 192 49.42 -74.34 2.37
CA VAL B 192 48.49 -74.35 1.23
C VAL B 192 47.36 -73.30 1.40
N TYR B 193 47.30 -72.30 0.48
CA TYR B 193 46.32 -71.20 0.48
C TYR B 193 45.39 -71.30 -0.74
N ALA B 194 44.12 -71.65 -0.50
CA ALA B 194 43.12 -71.87 -1.56
C ALA B 194 41.88 -70.97 -1.50
N CYS B 195 41.40 -70.55 -2.68
CA CYS B 195 40.19 -69.74 -2.80
C CYS B 195 39.23 -70.44 -3.75
N GLU B 196 38.10 -70.85 -3.21
CA GLU B 196 37.07 -71.60 -3.93
C GLU B 196 35.95 -70.72 -4.44
N VAL B 197 35.77 -70.67 -5.76
CA VAL B 197 34.79 -69.84 -6.44
C VAL B 197 33.61 -70.63 -6.99
N THR B 198 32.42 -70.16 -6.65
CA THR B 198 31.13 -70.72 -7.04
C THR B 198 30.32 -69.62 -7.74
N HIS B 199 29.77 -69.96 -8.92
CA HIS B 199 29.00 -69.07 -9.79
C HIS B 199 28.05 -69.88 -10.68
N GLN B 200 27.03 -69.22 -11.29
CA GLN B 200 26.04 -69.85 -12.17
C GLN B 200 26.64 -70.26 -13.51
N GLY B 201 27.65 -69.51 -13.96
CA GLY B 201 28.36 -69.77 -15.21
C GLY B 201 29.11 -71.09 -15.21
N LEU B 202 29.71 -71.44 -14.05
CA LEU B 202 30.44 -72.68 -13.82
C LEU B 202 29.54 -73.82 -13.37
N SER B 203 29.84 -75.04 -13.85
CA SER B 203 29.14 -76.27 -13.48
C SER B 203 29.78 -76.89 -12.24
N SER B 204 31.11 -76.70 -12.11
CA SER B 204 31.95 -77.17 -11.01
C SER B 204 32.70 -75.96 -10.41
N PRO B 205 32.92 -75.90 -9.07
CA PRO B 205 33.67 -74.78 -8.49
C PRO B 205 35.11 -74.69 -9.01
N VAL B 206 35.68 -73.48 -9.06
CA VAL B 206 37.07 -73.35 -9.48
C VAL B 206 37.93 -72.91 -8.29
N THR B 207 39.12 -73.50 -8.17
CA THR B 207 40.04 -73.21 -7.08
C THR B 207 41.34 -72.66 -7.63
N LYS B 208 41.88 -71.65 -6.95
CA LYS B 208 43.18 -71.07 -7.25
C LYS B 208 43.98 -71.17 -5.97
N SER B 209 45.22 -71.68 -6.07
CA SER B 209 46.07 -71.94 -4.91
C SER B 209 47.53 -71.54 -5.07
N PHE B 210 48.24 -71.54 -3.94
CA PHE B 210 49.68 -71.28 -3.82
C PHE B 210 50.23 -71.89 -2.55
N ASN B 211 51.55 -72.14 -2.54
CA ASN B 211 52.32 -72.67 -1.42
C ASN B 211 53.26 -71.55 -0.90
N ARG B 212 53.88 -71.76 0.29
CA ARG B 212 54.80 -70.88 1.04
C ARG B 212 54.06 -70.04 2.10
N GLY B 213 54.69 -69.95 3.27
CA GLY B 213 54.19 -69.21 4.42
C GLY B 213 54.83 -69.69 5.71
N GLU C 3 18.88 5.32 -7.04
CA GLU C 3 19.48 4.00 -6.76
C GLU C 3 18.68 2.84 -7.40
N VAL C 4 19.40 1.85 -7.98
CA VAL C 4 18.78 0.70 -8.63
C VAL C 4 18.24 -0.27 -7.57
N VAL C 5 17.00 -0.74 -7.73
CA VAL C 5 16.43 -1.74 -6.81
C VAL C 5 17.03 -3.11 -7.16
N LYS C 6 17.67 -3.74 -6.17
CA LYS C 6 18.33 -5.03 -6.34
C LYS C 6 17.32 -6.16 -6.60
N PHE C 7 17.65 -7.03 -7.57
CA PHE C 7 16.80 -8.14 -8.04
C PHE C 7 16.09 -8.92 -6.92
N MET C 8 16.82 -9.38 -5.87
CA MET C 8 16.22 -10.13 -4.77
C MET C 8 15.21 -9.35 -3.96
N ASP C 9 15.45 -8.05 -3.80
CA ASP C 9 14.56 -7.12 -3.11
C ASP C 9 13.26 -7.01 -3.92
N VAL C 10 13.32 -6.78 -5.26
CA VAL C 10 12.12 -6.72 -6.11
C VAL C 10 11.38 -8.05 -6.04
N TYR C 11 12.12 -9.18 -6.11
CA TYR C 11 11.54 -10.52 -6.09
C TYR C 11 10.71 -10.75 -4.82
N GLN C 12 11.28 -10.48 -3.67
CA GLN C 12 10.61 -10.65 -2.39
C GLN C 12 9.42 -9.72 -2.17
N ARG C 13 9.54 -8.47 -2.64
CA ARG C 13 8.52 -7.45 -2.44
C ARG C 13 7.31 -7.64 -3.32
N SER C 14 7.48 -8.17 -4.51
CA SER C 14 6.38 -8.36 -5.44
C SER C 14 5.71 -9.73 -5.36
N TYR C 15 6.40 -10.72 -4.80
CA TYR C 15 5.88 -12.08 -4.68
C TYR C 15 4.63 -12.08 -3.85
N CYS C 16 3.58 -12.75 -4.37
CA CYS C 16 2.23 -12.93 -3.83
C CYS C 16 2.14 -12.82 -2.31
N HIS C 17 1.39 -11.82 -1.82
CA HIS C 17 1.19 -11.61 -0.36
C HIS C 17 0.01 -10.69 -0.07
N PRO C 18 -0.49 -10.64 1.20
CA PRO C 18 -1.55 -9.65 1.53
C PRO C 18 -0.97 -8.24 1.48
N ILE C 19 -1.58 -7.36 0.66
CA ILE C 19 -1.14 -5.97 0.47
C ILE C 19 -2.31 -5.01 0.63
N GLU C 20 -2.07 -3.84 1.27
CA GLU C 20 -3.11 -2.81 1.42
C GLU C 20 -3.54 -2.35 0.03
N THR C 21 -4.83 -2.56 -0.27
CA THR C 21 -5.48 -2.34 -1.54
C THR C 21 -6.65 -1.42 -1.35
N LEU C 22 -6.87 -0.47 -2.29
CA LEU C 22 -7.96 0.48 -2.18
C LEU C 22 -9.16 -0.02 -2.96
N VAL C 23 -10.13 -0.57 -2.23
CA VAL C 23 -11.33 -1.28 -2.73
C VAL C 23 -12.57 -0.40 -2.73
N ASP C 24 -13.25 -0.33 -3.86
CA ASP C 24 -14.49 0.42 -4.02
C ASP C 24 -15.62 -0.30 -3.27
N ILE C 25 -16.35 0.43 -2.42
CA ILE C 25 -17.43 -0.11 -1.63
C ILE C 25 -18.54 -0.69 -2.51
N PHE C 26 -18.97 0.05 -3.52
CA PHE C 26 -20.02 -0.42 -4.41
C PHE C 26 -19.66 -1.73 -5.11
N GLN C 27 -18.36 -2.00 -5.30
CA GLN C 27 -17.86 -3.24 -5.88
C GLN C 27 -18.11 -4.40 -4.90
N GLU C 28 -17.89 -4.17 -3.60
CA GLU C 28 -18.08 -5.18 -2.56
C GLU C 28 -19.55 -5.40 -2.20
N TYR C 29 -20.36 -4.34 -2.33
CA TYR C 29 -21.79 -4.34 -2.03
C TYR C 29 -22.51 -3.84 -3.31
N PRO C 30 -22.66 -4.67 -4.37
CA PRO C 30 -23.29 -4.18 -5.62
C PRO C 30 -24.80 -4.02 -5.57
N ASP C 31 -25.44 -4.50 -4.49
CA ASP C 31 -26.88 -4.40 -4.28
C ASP C 31 -27.33 -3.04 -3.71
N GLU C 32 -26.40 -2.24 -3.14
CA GLU C 32 -26.71 -0.90 -2.59
C GLU C 32 -26.61 0.11 -3.74
N ILE C 33 -27.49 -0.04 -4.75
CA ILE C 33 -27.50 0.81 -5.95
C ILE C 33 -27.86 2.24 -5.61
N GLU C 34 -28.99 2.42 -4.89
CA GLU C 34 -29.60 3.67 -4.45
C GLU C 34 -28.69 4.54 -3.57
N TYR C 35 -27.82 3.93 -2.74
CA TYR C 35 -26.90 4.62 -1.84
C TYR C 35 -25.55 4.96 -2.46
N ILE C 36 -24.96 6.01 -1.94
CA ILE C 36 -23.63 6.44 -2.29
C ILE C 36 -22.86 6.55 -0.98
N PHE C 37 -21.59 6.13 -0.98
CA PHE C 37 -20.77 6.10 0.23
C PHE C 37 -19.66 7.13 0.25
N LYS C 38 -19.38 7.64 1.46
CA LYS C 38 -18.28 8.56 1.76
C LYS C 38 -17.46 7.96 2.91
N PRO C 39 -16.17 7.57 2.67
CA PRO C 39 -15.43 7.64 1.40
C PRO C 39 -16.01 6.64 0.42
N SER C 40 -15.77 6.78 -0.90
CA SER C 40 -16.35 5.82 -1.86
C SER C 40 -15.60 4.50 -1.84
N CYS C 41 -14.37 4.47 -1.28
CA CYS C 41 -13.55 3.27 -1.19
C CYS C 41 -12.84 3.12 0.16
N VAL C 42 -12.33 1.91 0.46
CA VAL C 42 -11.69 1.60 1.74
C VAL C 42 -10.34 0.92 1.59
N PRO C 43 -9.40 1.11 2.54
CA PRO C 43 -8.13 0.36 2.47
C PRO C 43 -8.29 -1.03 3.10
N LEU C 44 -8.00 -2.08 2.32
CA LEU C 44 -8.12 -3.47 2.74
C LEU C 44 -6.90 -4.32 2.43
N MET C 45 -6.58 -5.25 3.35
CA MET C 45 -5.51 -6.21 3.12
C MET C 45 -6.08 -7.27 2.16
N ARG C 46 -5.54 -7.33 0.96
CA ARG C 46 -5.98 -8.28 -0.07
C ARG C 46 -4.77 -8.90 -0.75
N CYS C 47 -4.94 -10.12 -1.29
CA CYS C 47 -3.86 -10.82 -2.01
C CYS C 47 -3.48 -10.08 -3.25
N GLY C 48 -2.21 -9.79 -3.33
CA GLY C 48 -1.67 -9.10 -4.48
C GLY C 48 -0.32 -9.65 -4.82
N GLY C 49 0.16 -9.23 -5.98
CA GLY C 49 1.47 -9.67 -6.44
C GLY C 49 1.43 -10.86 -7.36
N CYS C 50 2.61 -11.37 -7.65
CA CYS C 50 2.83 -12.41 -8.63
C CYS C 50 3.39 -13.70 -8.11
N CYS C 51 3.20 -14.70 -8.96
CA CYS C 51 3.61 -16.09 -8.80
C CYS C 51 4.81 -16.43 -9.67
N ASN C 52 5.34 -17.61 -9.43
CA ASN C 52 6.46 -18.16 -10.17
C ASN C 52 6.19 -18.18 -11.70
N ASP C 53 5.06 -18.79 -12.13
CA ASP C 53 4.70 -18.96 -13.53
C ASP C 53 3.21 -18.86 -13.84
N GLU C 54 2.86 -18.94 -15.13
CA GLU C 54 1.54 -18.88 -15.74
C GLU C 54 0.56 -19.97 -15.28
N GLY C 55 1.07 -21.11 -14.80
CA GLY C 55 0.24 -22.19 -14.29
C GLY C 55 -0.24 -21.97 -12.85
N LEU C 56 0.24 -20.88 -12.21
CA LEU C 56 -0.11 -20.52 -10.85
C LEU C 56 -0.90 -19.22 -10.77
N GLU C 57 -1.71 -19.11 -9.70
CA GLU C 57 -2.52 -17.95 -9.32
C GLU C 57 -2.35 -17.65 -7.84
N CYS C 58 -2.44 -16.37 -7.50
CA CYS C 58 -2.26 -15.92 -6.13
C CYS C 58 -3.65 -15.91 -5.47
N VAL C 59 -3.81 -16.62 -4.33
CA VAL C 59 -5.12 -16.76 -3.70
C VAL C 59 -5.10 -16.72 -2.16
N PRO C 60 -6.23 -16.30 -1.49
CA PRO C 60 -6.25 -16.28 -0.01
C PRO C 60 -6.48 -17.65 0.62
N THR C 61 -5.77 -17.93 1.71
CA THR C 61 -5.88 -19.18 2.43
C THR C 61 -6.31 -18.94 3.89
N GLU C 62 -6.47 -17.68 4.30
CA GLU C 62 -6.89 -17.26 5.63
C GLU C 62 -7.50 -15.89 5.49
N GLU C 63 -8.75 -15.76 5.97
CA GLU C 63 -9.54 -14.53 5.87
C GLU C 63 -10.10 -14.10 7.21
N SER C 64 -10.47 -12.83 7.31
CA SER C 64 -11.11 -12.21 8.45
C SER C 64 -11.94 -11.01 7.97
N ASN C 65 -12.65 -10.36 8.90
CA ASN C 65 -13.48 -9.18 8.64
C ASN C 65 -12.98 -7.95 9.42
N ILE C 66 -13.26 -6.76 8.86
CA ILE C 66 -12.97 -5.45 9.46
C ILE C 66 -14.24 -4.61 9.33
N THR C 67 -14.59 -3.86 10.39
CA THR C 67 -15.76 -2.96 10.46
C THR C 67 -15.30 -1.52 10.39
N MET C 68 -15.96 -0.75 9.54
CA MET C 68 -15.59 0.65 9.34
C MET C 68 -16.81 1.53 9.38
N GLN C 69 -16.66 2.73 9.99
CA GLN C 69 -17.73 3.75 10.00
C GLN C 69 -17.71 4.42 8.63
N ILE C 70 -18.81 4.30 7.88
CA ILE C 70 -18.92 4.84 6.53
C ILE C 70 -20.14 5.74 6.49
N MET C 71 -20.02 6.91 5.84
CA MET C 71 -21.15 7.78 5.65
C MET C 71 -22.03 7.14 4.56
N ARG C 72 -23.26 6.81 4.93
CA ARG C 72 -24.27 6.23 4.03
C ARG C 72 -25.18 7.36 3.57
N ILE C 73 -25.17 7.65 2.28
CA ILE C 73 -25.93 8.76 1.70
C ILE C 73 -27.09 8.33 0.78
N LYS C 74 -28.28 8.90 1.00
CA LYS C 74 -29.46 8.76 0.14
C LYS C 74 -29.50 10.10 -0.60
N PRO C 75 -29.00 10.13 -1.87
CA PRO C 75 -28.89 11.41 -2.60
C PRO C 75 -30.16 12.23 -2.62
N HIS C 76 -30.01 13.53 -2.33
CA HIS C 76 -31.03 14.58 -2.27
C HIS C 76 -31.99 14.39 -1.06
N GLN C 77 -31.78 13.38 -0.19
CA GLN C 77 -32.67 13.11 0.94
C GLN C 77 -32.05 13.16 2.33
N GLY C 78 -30.96 12.45 2.55
CA GLY C 78 -30.33 12.43 3.87
C GLY C 78 -29.03 11.68 3.93
N GLN C 79 -28.40 11.67 5.11
CA GLN C 79 -27.15 10.96 5.37
C GLN C 79 -27.01 10.57 6.82
N HIS C 80 -26.21 9.53 7.08
CA HIS C 80 -25.88 9.07 8.43
C HIS C 80 -24.68 8.16 8.35
N ILE C 81 -23.87 8.14 9.43
CA ILE C 81 -22.74 7.23 9.60
C ILE C 81 -23.28 5.87 10.05
N GLY C 82 -22.88 4.83 9.33
CA GLY C 82 -23.23 3.44 9.61
C GLY C 82 -21.98 2.60 9.74
N GLU C 83 -22.15 1.37 10.14
CA GLU C 83 -21.02 0.46 10.29
C GLU C 83 -21.10 -0.59 9.20
N MET C 84 -20.02 -0.67 8.40
CA MET C 84 -19.93 -1.62 7.28
C MET C 84 -18.80 -2.58 7.45
N SER C 85 -19.08 -3.88 7.14
CA SER C 85 -18.09 -4.95 7.28
C SER C 85 -17.42 -5.30 5.95
N PHE C 86 -16.14 -5.57 6.00
CA PHE C 86 -15.41 -5.90 4.77
C PHE C 86 -14.48 -7.08 5.02
N LEU C 87 -14.24 -7.85 3.96
CA LEU C 87 -13.35 -8.98 3.99
C LEU C 87 -11.89 -8.58 3.81
N GLN C 88 -11.02 -9.19 4.62
CA GLN C 88 -9.56 -9.05 4.60
C GLN C 88 -8.89 -10.40 4.37
N HIS C 89 -7.77 -10.42 3.67
CA HIS C 89 -7.00 -11.62 3.37
C HIS C 89 -5.76 -11.58 4.27
N ASN C 90 -5.64 -12.55 5.19
CA ASN C 90 -4.55 -12.63 6.18
C ASN C 90 -3.35 -13.44 5.73
N LYS C 91 -3.58 -14.45 4.86
CA LYS C 91 -2.53 -15.34 4.34
C LYS C 91 -2.85 -15.68 2.91
N CYS C 92 -1.81 -15.70 2.05
CA CYS C 92 -1.89 -15.94 0.60
C CYS C 92 -0.98 -17.06 0.14
N GLU C 93 -1.41 -17.76 -0.91
CA GLU C 93 -0.61 -18.83 -1.52
C GLU C 93 -0.73 -18.86 -3.02
N CYS C 94 0.37 -19.27 -3.66
CA CYS C 94 0.44 -19.47 -5.10
C CYS C 94 -0.07 -20.89 -5.33
N ARG C 95 -1.19 -20.99 -6.05
CA ARG C 95 -1.85 -22.27 -6.26
C ARG C 95 -2.19 -22.52 -7.72
N PRO C 96 -2.21 -23.80 -8.15
CA PRO C 96 -2.51 -24.13 -9.55
C PRO C 96 -3.83 -23.56 -10.06
N LYS C 97 -3.75 -22.79 -11.16
CA LYS C 97 -4.86 -22.08 -11.79
C LYS C 97 -6.14 -22.93 -11.98
N LYS C 98 -7.31 -22.29 -11.75
CA LYS C 98 -8.64 -22.88 -11.86
C LYS C 98 -9.06 -22.94 -13.31
N HIS D 1 -11.69 -8.63 14.55
CA HIS D 1 -11.31 -8.71 15.97
C HIS D 1 -10.49 -7.50 16.46
N HIS D 2 -10.42 -6.45 15.62
CA HIS D 2 -9.79 -5.15 15.88
C HIS D 2 -10.93 -4.18 16.34
N GLU D 3 -10.61 -2.91 16.66
CA GLU D 3 -11.68 -1.98 16.99
C GLU D 3 -12.33 -1.50 15.67
N VAL D 4 -13.48 -0.83 15.74
CA VAL D 4 -14.11 -0.29 14.52
C VAL D 4 -13.26 0.91 14.01
N VAL D 5 -13.05 0.97 12.69
CA VAL D 5 -12.31 2.07 12.10
C VAL D 5 -13.23 3.29 12.04
N LYS D 6 -12.77 4.38 12.70
CA LYS D 6 -13.52 5.62 12.77
C LYS D 6 -13.60 6.32 11.41
N PHE D 7 -14.79 6.84 11.08
CA PHE D 7 -15.10 7.50 9.82
C PHE D 7 -14.02 8.48 9.31
N MET D 8 -13.55 9.43 10.13
CA MET D 8 -12.52 10.39 9.71
C MET D 8 -11.18 9.74 9.36
N ASP D 9 -10.84 8.67 10.07
CA ASP D 9 -9.63 7.90 9.85
C ASP D 9 -9.71 7.23 8.48
N VAL D 10 -10.84 6.54 8.18
CA VAL D 10 -11.02 5.90 6.88
C VAL D 10 -10.98 6.94 5.80
N TYR D 11 -11.68 8.09 6.00
CA TYR D 11 -11.76 9.18 5.02
C TYR D 11 -10.37 9.67 4.62
N GLN D 12 -9.55 9.98 5.60
CA GLN D 12 -8.20 10.49 5.35
C GLN D 12 -7.27 9.47 4.71
N ARG D 13 -7.38 8.20 5.12
CA ARG D 13 -6.48 7.16 4.66
C ARG D 13 -6.78 6.68 3.26
N SER D 14 -8.04 6.74 2.83
CA SER D 14 -8.44 6.26 1.51
C SER D 14 -8.44 7.36 0.43
N TYR D 15 -8.45 8.63 0.85
CA TYR D 15 -8.45 9.77 -0.05
C TYR D 15 -7.21 9.76 -0.90
N CYS D 16 -7.44 9.93 -2.23
CA CYS D 16 -6.48 10.03 -3.34
C CYS D 16 -5.06 10.19 -2.91
N HIS D 17 -4.15 9.24 -3.20
CA HIS D 17 -2.73 9.44 -2.90
C HIS D 17 -1.84 8.42 -3.60
N PRO D 18 -0.49 8.65 -3.68
CA PRO D 18 0.41 7.60 -4.23
C PRO D 18 0.44 6.40 -3.26
N ILE D 19 0.14 5.21 -3.79
CA ILE D 19 0.11 3.96 -3.01
C ILE D 19 0.93 2.87 -3.71
N GLU D 20 1.70 2.08 -2.94
CA GLU D 20 2.47 0.97 -3.49
C GLU D 20 1.50 -0.03 -4.15
N THR D 21 1.65 -0.20 -5.47
CA THR D 21 0.80 -1.00 -6.34
C THR D 21 1.65 -2.06 -7.01
N LEU D 22 1.10 -3.28 -7.19
CA LEU D 22 1.83 -4.37 -7.82
C LEU D 22 1.46 -4.44 -9.30
N VAL D 23 2.35 -3.89 -10.14
CA VAL D 23 2.19 -3.67 -11.59
C VAL D 23 2.89 -4.75 -12.41
N ASP D 24 2.15 -5.35 -13.36
CA ASP D 24 2.67 -6.37 -14.25
C ASP D 24 3.61 -5.72 -15.27
N ILE D 25 4.83 -6.29 -15.42
CA ILE D 25 5.84 -5.76 -16.34
C ILE D 25 5.35 -5.78 -17.78
N PHE D 26 4.75 -6.90 -18.23
CA PHE D 26 4.27 -6.99 -19.59
C PHE D 26 3.21 -5.94 -19.92
N GLN D 27 2.49 -5.45 -18.90
CA GLN D 27 1.49 -4.40 -19.03
C GLN D 27 2.21 -3.08 -19.35
N GLU D 28 3.33 -2.82 -18.68
CA GLU D 28 4.13 -1.60 -18.86
C GLU D 28 4.96 -1.61 -20.13
N TYR D 29 5.39 -2.80 -20.56
CA TYR D 29 6.21 -3.05 -21.76
C TYR D 29 5.44 -4.07 -22.64
N PRO D 30 4.36 -3.67 -23.35
CA PRO D 30 3.57 -4.67 -24.11
C PRO D 30 4.19 -5.14 -25.41
N ASP D 31 5.26 -4.48 -25.85
CA ASP D 31 5.92 -4.81 -27.10
C ASP D 31 6.93 -5.95 -26.96
N GLU D 32 7.21 -6.43 -25.73
CA GLU D 32 8.13 -7.54 -25.56
C GLU D 32 7.58 -8.81 -26.19
N ILE D 33 8.42 -9.48 -26.98
CA ILE D 33 8.05 -10.71 -27.65
C ILE D 33 9.17 -11.74 -27.49
N GLU D 34 10.36 -11.24 -27.13
CA GLU D 34 11.57 -12.03 -26.89
C GLU D 34 11.61 -12.70 -25.50
N TYR D 35 11.28 -11.95 -24.43
CA TYR D 35 11.43 -12.44 -23.06
C TYR D 35 10.20 -12.60 -22.21
N ILE D 36 10.36 -13.36 -21.11
CA ILE D 36 9.45 -13.50 -19.97
C ILE D 36 10.23 -12.98 -18.75
N PHE D 37 9.54 -12.39 -17.76
CA PHE D 37 10.26 -11.78 -16.65
C PHE D 37 10.10 -12.43 -15.26
N LYS D 38 11.18 -12.32 -14.47
CA LYS D 38 11.22 -12.77 -13.10
C LYS D 38 11.76 -11.59 -12.22
N PRO D 39 10.94 -11.03 -11.27
CA PRO D 39 9.52 -11.38 -10.99
C PRO D 39 8.67 -10.93 -12.17
N SER D 40 7.43 -11.45 -12.31
CA SER D 40 6.61 -11.01 -13.45
C SER D 40 6.01 -9.62 -13.24
N CYS D 41 6.01 -9.14 -11.98
CA CYS D 41 5.49 -7.82 -11.60
C CYS D 41 6.37 -7.06 -10.62
N VAL D 42 6.17 -5.76 -10.50
CA VAL D 42 7.01 -4.89 -9.66
C VAL D 42 6.21 -4.01 -8.72
N PRO D 43 6.78 -3.63 -7.55
CA PRO D 43 6.05 -2.71 -6.67
C PRO D 43 6.33 -1.26 -7.09
N LEU D 44 5.26 -0.51 -7.40
CA LEU D 44 5.36 0.88 -7.83
C LEU D 44 4.42 1.83 -7.11
N MET D 45 4.91 3.06 -6.85
CA MET D 45 4.09 4.10 -6.27
C MET D 45 3.18 4.63 -7.40
N ARG D 46 1.88 4.41 -7.26
CA ARG D 46 0.91 4.84 -8.26
C ARG D 46 -0.29 5.48 -7.57
N CYS D 47 -1.00 6.40 -8.25
CA CYS D 47 -2.19 7.04 -7.70
C CYS D 47 -3.27 6.02 -7.46
N GLY D 48 -3.78 6.06 -6.26
CA GLY D 48 -4.86 5.19 -5.85
C GLY D 48 -5.78 5.90 -4.90
N GLY D 49 -6.93 5.31 -4.66
CA GLY D 49 -7.85 5.90 -3.70
C GLY D 49 -8.94 6.67 -4.37
N CYS D 50 -9.75 7.34 -3.55
CA CYS D 50 -10.92 8.04 -4.01
C CYS D 50 -10.88 9.54 -3.83
N CYS D 51 -11.69 10.17 -4.66
CA CYS D 51 -12.15 11.52 -4.71
C CYS D 51 -13.59 11.21 -4.41
N ASN D 52 -14.26 12.01 -3.62
CA ASN D 52 -15.58 11.49 -3.39
C ASN D 52 -16.59 12.34 -4.16
N ASP D 53 -16.22 12.63 -5.42
CA ASP D 53 -17.05 13.42 -6.30
C ASP D 53 -17.12 12.77 -7.66
N GLU D 54 -18.33 12.70 -8.27
CA GLU D 54 -18.46 12.13 -9.62
C GLU D 54 -17.81 12.97 -10.70
N GLY D 55 -17.74 14.29 -10.51
CA GLY D 55 -17.10 15.22 -11.44
C GLY D 55 -15.58 15.23 -11.33
N LEU D 56 -15.01 14.49 -10.34
CA LEU D 56 -13.56 14.40 -10.13
C LEU D 56 -13.01 12.99 -10.37
N GLU D 57 -11.67 12.92 -10.64
CA GLU D 57 -10.86 11.71 -10.82
C GLU D 57 -9.46 11.92 -10.20
N CYS D 58 -8.84 10.84 -9.70
CA CYS D 58 -7.53 10.82 -9.03
C CYS D 58 -6.42 10.66 -10.05
N VAL D 59 -5.57 11.70 -10.20
CA VAL D 59 -4.54 11.74 -11.26
C VAL D 59 -3.16 12.17 -10.78
N PRO D 60 -2.07 11.74 -11.47
CA PRO D 60 -0.72 12.18 -11.05
C PRO D 60 -0.36 13.59 -11.50
N THR D 61 0.29 14.35 -10.62
CA THR D 61 0.73 15.72 -10.91
C THR D 61 2.25 15.87 -10.80
N GLU D 62 2.94 14.79 -10.46
CA GLU D 62 4.40 14.74 -10.34
C GLU D 62 4.78 13.29 -10.53
N GLU D 63 5.66 13.04 -11.48
CA GLU D 63 6.13 11.70 -11.85
C GLU D 63 7.63 11.62 -11.85
N SER D 64 8.16 10.40 -11.76
CA SER D 64 9.58 10.09 -11.82
C SER D 64 9.72 8.64 -12.30
N ASN D 65 10.97 8.22 -12.47
CA ASN D 65 11.33 6.86 -12.89
C ASN D 65 12.14 6.15 -11.82
N ILE D 66 11.99 4.83 -11.78
CA ILE D 66 12.73 3.95 -10.89
C ILE D 66 13.31 2.82 -11.75
N THR D 67 14.58 2.42 -11.45
CA THR D 67 15.31 1.37 -12.15
C THR D 67 15.39 0.15 -11.25
N MET D 68 15.04 -1.00 -11.81
CA MET D 68 15.04 -2.25 -11.08
C MET D 68 15.77 -3.34 -11.84
N GLN D 69 16.49 -4.19 -11.11
CA GLN D 69 17.16 -5.35 -11.69
C GLN D 69 16.08 -6.42 -11.88
N ILE D 70 15.82 -6.80 -13.12
CA ILE D 70 14.82 -7.80 -13.47
C ILE D 70 15.48 -8.92 -14.23
N MET D 71 15.12 -10.17 -13.91
CA MET D 71 15.63 -11.33 -14.63
C MET D 71 14.91 -11.36 -15.98
N ARG D 72 15.67 -11.23 -17.06
CA ARG D 72 15.17 -11.27 -18.44
C ARG D 72 15.40 -12.71 -18.95
N ILE D 73 14.30 -13.43 -19.24
CA ILE D 73 14.38 -14.84 -19.61
C ILE D 73 13.91 -15.16 -21.02
N LYS D 74 14.78 -15.89 -21.74
CA LYS D 74 14.49 -16.43 -23.06
C LYS D 74 14.17 -17.89 -22.77
N PRO D 75 12.85 -18.25 -22.75
CA PRO D 75 12.46 -19.63 -22.36
C PRO D 75 13.18 -20.73 -23.09
N HIS D 76 13.68 -21.71 -22.33
CA HIS D 76 14.43 -22.90 -22.75
C HIS D 76 15.84 -22.57 -23.31
N GLN D 77 16.27 -21.29 -23.30
CA GLN D 77 17.56 -20.88 -23.85
C GLN D 77 18.53 -20.26 -22.84
N GLY D 78 18.11 -19.21 -22.17
CA GLY D 78 18.98 -18.57 -21.19
C GLY D 78 18.31 -17.51 -20.36
N GLN D 79 19.09 -16.90 -19.47
CA GLN D 79 18.64 -15.84 -18.58
C GLN D 79 19.78 -14.93 -18.16
N HIS D 80 19.44 -13.67 -17.88
CA HIS D 80 20.36 -12.66 -17.38
C HIS D 80 19.57 -11.56 -16.70
N ILE D 81 20.17 -10.94 -15.67
CA ILE D 81 19.63 -9.80 -14.96
C ILE D 81 19.94 -8.55 -15.78
N GLY D 82 18.91 -7.77 -16.06
CA GLY D 82 18.99 -6.51 -16.76
C GLY D 82 18.42 -5.40 -15.90
N GLU D 83 18.57 -4.16 -16.35
CA GLU D 83 18.05 -3.01 -15.64
C GLU D 83 16.88 -2.45 -16.41
N MET D 84 15.70 -2.42 -15.75
CA MET D 84 14.45 -1.93 -16.34
C MET D 84 13.92 -0.73 -15.63
N SER D 85 13.45 0.26 -16.41
CA SER D 85 12.93 1.51 -15.88
C SER D 85 11.40 1.52 -15.82
N PHE D 86 10.84 2.09 -14.74
CA PHE D 86 9.39 2.14 -14.58
C PHE D 86 8.97 3.49 -14.08
N LEU D 87 7.74 3.87 -14.45
CA LEU D 87 7.15 5.13 -14.02
C LEU D 87 6.53 5.03 -12.60
N GLN D 88 6.78 6.09 -11.80
CA GLN D 88 6.25 6.25 -10.46
C GLN D 88 5.50 7.58 -10.37
N HIS D 89 4.45 7.61 -9.53
CA HIS D 89 3.64 8.79 -9.29
C HIS D 89 4.02 9.31 -7.92
N ASN D 90 4.60 10.53 -7.86
CA ASN D 90 5.10 11.15 -6.63
C ASN D 90 4.07 12.00 -5.90
N LYS D 91 3.15 12.64 -6.66
CA LYS D 91 2.10 13.51 -6.13
C LYS D 91 0.83 13.30 -6.94
N CYS D 92 -0.31 13.25 -6.24
CA CYS D 92 -1.66 13.01 -6.80
C CYS D 92 -2.66 14.10 -6.47
N GLU D 93 -3.61 14.34 -7.38
CA GLU D 93 -4.66 15.31 -7.18
C GLU D 93 -5.99 14.85 -7.77
N CYS D 94 -7.08 15.31 -7.18
CA CYS D 94 -8.42 15.04 -7.65
C CYS D 94 -8.73 16.15 -8.59
N ARG D 95 -8.89 15.81 -9.86
CA ARG D 95 -9.07 16.83 -10.88
C ARG D 95 -10.29 16.57 -11.70
N PRO D 96 -10.91 17.66 -12.26
CA PRO D 96 -12.12 17.51 -13.08
C PRO D 96 -11.99 16.51 -14.22
N LYS D 97 -12.85 15.48 -14.21
CA LYS D 97 -12.89 14.37 -15.16
C LYS D 97 -12.72 14.79 -16.63
N LYS D 98 -11.97 13.95 -17.38
CA LYS D 98 -11.68 14.12 -18.80
C LYS D 98 -12.93 13.76 -19.68
N ASP D 99 -13.80 14.79 -19.90
CA ASP D 99 -15.04 14.70 -20.70
C ASP D 99 -14.73 14.58 -22.19
N GLU E 1 -37.64 19.70 14.01
CA GLU E 1 -37.11 20.87 13.31
C GLU E 1 -35.63 21.02 13.60
N VAL E 2 -34.84 20.98 12.52
CA VAL E 2 -33.39 21.17 12.53
C VAL E 2 -33.11 22.63 12.86
N GLN E 3 -32.19 22.86 13.81
CA GLN E 3 -31.83 24.18 14.25
C GLN E 3 -30.39 24.25 14.70
N LEU E 4 -29.71 25.36 14.39
CA LEU E 4 -28.36 25.66 14.85
C LEU E 4 -28.52 26.95 15.64
N VAL E 5 -28.03 26.95 16.88
CA VAL E 5 -28.16 28.13 17.74
C VAL E 5 -26.82 28.50 18.29
N GLU E 6 -26.38 29.69 17.93
CA GLU E 6 -25.08 30.24 18.33
C GLU E 6 -25.16 31.06 19.58
N SER E 7 -24.02 31.20 20.28
CA SER E 7 -23.84 31.96 21.52
C SER E 7 -22.34 32.17 21.77
N GLY E 8 -22.01 33.05 22.71
CA GLY E 8 -20.63 33.33 23.06
C GLY E 8 -19.99 34.50 22.36
N GLY E 9 -20.80 35.32 21.71
CA GLY E 9 -20.28 36.51 21.06
C GLY E 9 -20.32 37.74 21.98
N GLY E 10 -19.90 38.87 21.45
CA GLY E 10 -19.87 40.11 22.20
C GLY E 10 -18.56 40.85 22.05
N LEU E 11 -18.31 41.78 22.99
CA LEU E 11 -17.11 42.62 23.03
C LEU E 11 -15.89 41.86 23.61
N VAL E 12 -14.71 42.02 22.99
CA VAL E 12 -13.40 41.44 23.36
C VAL E 12 -12.30 42.49 23.19
N GLN E 13 -11.33 42.55 24.13
CA GLN E 13 -10.18 43.48 24.03
C GLN E 13 -9.20 42.92 22.99
N PRO E 14 -8.46 43.78 22.24
CA PRO E 14 -7.46 43.24 21.28
C PRO E 14 -6.48 42.28 21.95
N GLY E 15 -6.20 41.16 21.30
CA GLY E 15 -5.34 40.09 21.80
C GLY E 15 -6.09 39.11 22.67
N GLY E 16 -7.39 39.28 22.76
CA GLY E 16 -8.25 38.45 23.59
C GLY E 16 -8.58 37.10 22.97
N SER E 17 -9.39 36.34 23.69
CA SER E 17 -9.88 35.02 23.32
C SER E 17 -11.38 35.00 23.49
N LEU E 18 -12.05 34.20 22.65
CA LEU E 18 -13.50 34.08 22.67
C LEU E 18 -13.88 32.73 22.08
N ARG E 19 -14.87 32.08 22.69
CA ARG E 19 -15.33 30.79 22.20
C ARG E 19 -16.78 30.86 21.74
N LEU E 20 -17.02 30.58 20.46
CA LEU E 20 -18.39 30.58 19.95
C LEU E 20 -18.92 29.16 19.98
N SER E 21 -20.15 29.01 20.46
CA SER E 21 -20.82 27.71 20.56
C SER E 21 -21.84 27.60 19.44
N CYS E 22 -22.00 26.41 18.89
CA CYS E 22 -23.01 26.14 17.89
C CYS E 22 -23.81 24.93 18.34
N ALA E 23 -25.00 25.17 18.88
CA ALA E 23 -25.87 24.13 19.41
C ALA E 23 -26.90 23.60 18.41
N ALA E 24 -26.75 22.31 18.08
CA ALA E 24 -27.63 21.59 17.18
C ALA E 24 -28.82 20.97 17.92
N SER E 25 -29.92 20.79 17.20
CA SER E 25 -31.16 20.16 17.65
C SER E 25 -31.89 19.74 16.41
N GLY E 26 -32.57 18.60 16.49
CA GLY E 26 -33.29 18.07 15.33
C GLY E 26 -32.45 17.12 14.49
N PHE E 27 -31.16 16.98 14.83
CA PHE E 27 -30.16 16.12 14.19
C PHE E 27 -28.98 15.88 15.13
N THR E 28 -28.07 14.95 14.73
CA THR E 28 -26.83 14.58 15.45
C THR E 28 -25.66 15.24 14.72
N ILE E 29 -24.85 16.10 15.41
CA ILE E 29 -23.73 16.82 14.77
C ILE E 29 -22.67 15.85 14.24
N SER E 30 -22.53 14.68 14.86
CA SER E 30 -21.48 13.74 14.45
C SER E 30 -21.74 13.18 13.08
N ASP E 31 -22.98 13.29 12.61
CA ASP E 31 -23.38 12.85 11.27
C ASP E 31 -23.03 13.90 10.20
N TYR E 32 -22.43 15.07 10.60
CA TYR E 32 -22.15 16.20 9.72
C TYR E 32 -20.84 16.94 10.04
N TRP E 33 -20.41 17.83 9.14
CA TRP E 33 -19.27 18.73 9.36
C TRP E 33 -19.84 20.13 9.58
N ILE E 34 -19.52 20.78 10.72
CA ILE E 34 -19.99 22.15 11.00
C ILE E 34 -18.92 23.17 10.54
N HIS E 35 -19.29 24.07 9.62
CA HIS E 35 -18.39 25.11 9.08
C HIS E 35 -18.67 26.48 9.67
N TRP E 36 -17.65 27.33 9.71
CA TRP E 36 -17.81 28.68 10.24
C TRP E 36 -17.59 29.67 9.13
N VAL E 37 -18.51 30.62 9.00
CA VAL E 37 -18.48 31.68 7.98
C VAL E 37 -18.64 33.05 8.66
N ARG E 38 -17.92 34.07 8.20
CA ARG E 38 -18.09 35.38 8.82
C ARG E 38 -18.33 36.49 7.81
N GLN E 39 -18.90 37.61 8.30
CA GLN E 39 -19.20 38.80 7.54
C GLN E 39 -18.78 40.09 8.32
N ALA E 40 -17.72 40.75 7.86
CA ALA E 40 -17.20 41.99 8.45
C ALA E 40 -18.18 43.10 8.12
N PRO E 41 -18.39 44.09 9.02
CA PRO E 41 -19.38 45.16 8.73
C PRO E 41 -19.25 45.77 7.34
N GLY E 42 -20.34 45.68 6.58
CA GLY E 42 -20.44 46.16 5.20
C GLY E 42 -19.84 45.26 4.14
N LYS E 43 -18.96 44.32 4.53
CA LYS E 43 -18.25 43.40 3.64
C LYS E 43 -19.05 42.10 3.31
N GLY E 44 -18.52 41.28 2.39
CA GLY E 44 -19.16 40.05 1.94
C GLY E 44 -18.88 38.84 2.82
N LEU E 45 -19.25 37.62 2.37
CA LEU E 45 -19.02 36.42 3.18
C LEU E 45 -17.61 35.90 3.05
N GLU E 46 -17.00 35.53 4.20
CA GLU E 46 -15.68 34.93 4.26
C GLU E 46 -15.76 33.57 4.96
N TRP E 47 -15.33 32.50 4.27
CA TRP E 47 -15.29 31.14 4.85
C TRP E 47 -14.12 31.08 5.83
N VAL E 48 -14.41 30.73 7.08
CA VAL E 48 -13.40 30.76 8.15
C VAL E 48 -12.77 29.42 8.44
N ALA E 49 -13.59 28.41 8.78
CA ALA E 49 -13.09 27.09 9.21
C ALA E 49 -14.03 25.98 8.94
N GLY E 50 -13.46 24.79 8.82
CA GLY E 50 -14.23 23.56 8.65
C GLY E 50 -13.42 22.40 8.16
N ILE E 51 -13.93 21.14 8.40
CA ILE E 51 -13.29 19.92 7.87
C ILE E 51 -13.67 19.99 6.40
N THR E 52 -12.69 19.78 5.54
CA THR E 52 -12.80 19.93 4.10
C THR E 52 -12.92 18.59 3.33
N PRO E 53 -13.68 18.53 2.22
CA PRO E 53 -13.82 17.25 1.49
C PRO E 53 -12.56 16.73 0.78
N ALA E 54 -11.64 17.62 0.42
CA ALA E 54 -10.45 17.20 -0.29
C ALA E 54 -9.33 16.85 0.69
N GLY E 55 -9.40 15.63 1.23
CA GLY E 55 -8.43 15.12 2.20
C GLY E 55 -8.95 14.77 3.59
N GLY E 56 -9.97 15.50 4.07
CA GLY E 56 -10.58 15.27 5.37
C GLY E 56 -9.92 16.00 6.53
N TYR E 57 -8.92 16.84 6.21
CA TYR E 57 -8.19 17.63 7.20
C TYR E 57 -8.94 18.95 7.50
N THR E 58 -8.67 19.59 8.66
CA THR E 58 -9.45 20.81 8.92
C THR E 58 -8.68 22.01 8.43
N TYR E 59 -9.39 22.93 7.77
CA TYR E 59 -8.81 24.10 7.16
C TYR E 59 -9.30 25.34 7.79
N TYR E 60 -8.49 26.38 7.69
CA TYR E 60 -8.83 27.71 8.18
C TYR E 60 -8.45 28.73 7.10
N ALA E 61 -9.08 29.88 7.15
CA ALA E 61 -8.77 31.03 6.31
C ALA E 61 -7.37 31.52 6.71
N ASP E 62 -6.53 31.93 5.76
CA ASP E 62 -5.15 32.35 6.01
C ASP E 62 -5.00 33.37 7.11
N SER E 63 -5.92 34.33 7.23
CA SER E 63 -5.90 35.33 8.32
C SER E 63 -6.17 34.75 9.71
N VAL E 64 -6.88 33.60 9.80
CA VAL E 64 -7.28 32.99 11.08
C VAL E 64 -6.48 31.73 11.41
N LYS E 65 -5.81 31.17 10.39
CA LYS E 65 -4.96 29.96 10.43
C LYS E 65 -3.91 30.21 11.52
N GLY E 66 -3.75 29.29 12.43
CA GLY E 66 -2.76 29.54 13.48
C GLY E 66 -3.19 30.23 14.78
N ARG E 67 -4.45 30.75 14.87
CA ARG E 67 -4.99 31.40 16.08
C ARG E 67 -6.39 30.86 16.37
N PHE E 68 -7.00 30.15 15.39
CA PHE E 68 -8.36 29.60 15.54
C PHE E 68 -8.33 28.08 15.57
N THR E 69 -9.23 27.51 16.40
CA THR E 69 -9.38 26.07 16.55
C THR E 69 -10.84 25.70 16.67
N ILE E 70 -11.30 24.78 15.77
CA ILE E 70 -12.68 24.24 15.83
C ILE E 70 -12.65 22.91 16.62
N SER E 71 -13.80 22.52 17.20
CA SER E 71 -13.93 21.27 17.97
C SER E 71 -15.42 20.94 18.12
N ALA E 72 -15.75 19.79 18.77
CA ALA E 72 -17.16 19.39 19.01
C ALA E 72 -17.32 18.53 20.26
N ASP E 73 -18.42 18.72 20.99
CA ASP E 73 -18.75 17.94 22.17
C ASP E 73 -19.96 17.12 21.80
N THR E 74 -19.71 15.84 21.49
CA THR E 74 -20.71 14.90 21.01
C THR E 74 -21.89 14.72 22.01
N SER E 75 -21.62 14.72 23.34
CA SER E 75 -22.69 14.56 24.34
C SER E 75 -23.61 15.76 24.39
N LYS E 76 -23.04 16.97 24.17
CA LYS E 76 -23.78 18.23 24.19
C LYS E 76 -24.39 18.60 22.80
N ASN E 77 -24.13 17.75 21.76
CA ASN E 77 -24.56 17.91 20.35
C ASN E 77 -24.26 19.38 19.91
N THR E 78 -22.99 19.78 20.10
CA THR E 78 -22.54 21.15 19.95
C THR E 78 -21.13 21.25 19.37
N ALA E 79 -20.95 22.12 18.37
CA ALA E 79 -19.67 22.44 17.76
C ALA E 79 -19.16 23.78 18.37
N TYR E 80 -17.85 24.03 18.36
CA TYR E 80 -17.27 25.23 18.92
C TYR E 80 -16.21 25.84 18.01
N LEU E 81 -16.02 27.18 18.11
CA LEU E 81 -14.96 27.89 17.40
C LEU E 81 -14.21 28.74 18.41
N GLN E 82 -13.03 28.27 18.81
CA GLN E 82 -12.19 28.98 19.75
C GLN E 82 -11.32 29.95 18.97
N MET E 83 -11.50 31.23 19.25
CA MET E 83 -10.76 32.29 18.59
C MET E 83 -9.85 32.98 19.60
N ASN E 84 -8.56 32.96 19.35
CA ASN E 84 -7.57 33.58 20.23
C ASN E 84 -6.77 34.59 19.47
N SER E 85 -6.02 35.45 20.20
CA SER E 85 -5.15 36.52 19.71
C SER E 85 -5.92 37.40 18.72
N LEU E 86 -7.15 37.77 19.13
CA LEU E 86 -8.11 38.55 18.36
C LEU E 86 -7.59 39.90 18.00
N ARG E 87 -7.96 40.34 16.79
CA ARG E 87 -7.54 41.62 16.24
C ARG E 87 -8.72 42.36 15.62
N ALA E 88 -8.56 43.67 15.34
CA ALA E 88 -9.60 44.53 14.75
C ALA E 88 -10.31 43.88 13.55
N GLU E 89 -9.54 43.31 12.61
CA GLU E 89 -10.05 42.64 11.39
C GLU E 89 -10.95 41.42 11.68
N ASP E 90 -10.95 40.91 12.92
CA ASP E 90 -11.83 39.82 13.30
C ASP E 90 -13.22 40.33 13.71
N THR E 91 -13.43 41.69 13.73
CA THR E 91 -14.75 42.28 14.07
C THR E 91 -15.71 41.90 12.91
N ALA E 92 -16.70 41.04 13.23
CA ALA E 92 -17.62 40.51 12.21
C ALA E 92 -18.73 39.75 12.82
N VAL E 93 -19.74 39.45 12.01
CA VAL E 93 -20.83 38.55 12.40
C VAL E 93 -20.36 37.14 12.02
N TYR E 94 -20.38 36.24 13.01
CA TYR E 94 -19.94 34.85 12.82
C TYR E 94 -21.11 33.92 12.80
N TYR E 95 -21.20 33.10 11.73
CA TYR E 95 -22.22 32.07 11.48
C TYR E 95 -21.60 30.69 11.54
N CYS E 96 -22.38 29.72 11.95
CA CYS E 96 -22.02 28.30 11.85
C CYS E 96 -23.05 27.69 10.89
N ALA E 97 -22.58 26.85 9.97
CA ALA E 97 -23.44 26.25 8.98
C ALA E 97 -23.18 24.76 8.83
N ARG E 98 -24.27 24.01 8.57
CA ARG E 98 -24.26 22.57 8.38
C ARG E 98 -23.80 22.22 6.97
N PHE E 99 -22.53 21.82 6.83
CA PHE E 99 -21.95 21.35 5.58
C PHE E 99 -22.48 19.91 5.34
N VAL E 100 -23.12 19.69 4.20
CA VAL E 100 -23.82 18.45 3.89
C VAL E 100 -23.27 17.71 2.63
N PHE E 101 -23.49 16.37 2.58
CA PHE E 101 -23.10 15.49 1.48
C PHE E 101 -24.29 15.08 0.60
N PHE E 102 -25.50 14.91 1.18
CA PHE E 102 -26.69 14.47 0.42
C PHE E 102 -27.17 15.53 -0.58
N LEU E 103 -26.80 16.84 -0.36
CA LEU E 103 -26.94 18.02 -1.24
C LEU E 103 -25.46 18.36 -1.34
N PRO E 104 -24.72 17.71 -2.25
CA PRO E 104 -23.28 17.77 -2.18
C PRO E 104 -22.67 19.16 -2.01
N TYR E 105 -21.87 19.25 -0.92
CA TYR E 105 -21.00 20.34 -0.49
C TYR E 105 -21.74 21.64 -0.27
N ALA E 106 -22.96 21.57 0.23
CA ALA E 106 -23.83 22.69 0.48
C ALA E 106 -24.09 22.86 1.95
N MET E 107 -24.36 24.10 2.39
CA MET E 107 -24.69 24.43 3.75
C MET E 107 -26.19 24.71 3.79
N ASP E 108 -26.97 23.72 4.25
CA ASP E 108 -28.44 23.83 4.22
C ASP E 108 -29.06 24.51 5.44
N TYR E 109 -28.49 24.36 6.63
CA TYR E 109 -29.01 25.02 7.83
C TYR E 109 -27.88 25.88 8.41
N TRP E 110 -28.20 27.12 8.79
CA TRP E 110 -27.30 28.13 9.32
C TRP E 110 -27.72 28.62 10.69
N GLY E 111 -26.74 29.09 11.46
CA GLY E 111 -27.00 29.70 12.75
C GLY E 111 -27.49 31.11 12.53
N GLN E 112 -28.14 31.72 13.50
CA GLN E 112 -28.66 33.10 13.38
C GLN E 112 -27.56 34.16 13.24
N GLY E 113 -26.35 33.82 13.62
CA GLY E 113 -25.23 34.73 13.59
C GLY E 113 -25.03 35.40 14.94
N THR E 114 -23.80 35.85 15.18
CA THR E 114 -23.42 36.55 16.41
C THR E 114 -22.29 37.51 16.12
N LEU E 115 -22.42 38.74 16.55
CA LEU E 115 -21.39 39.77 16.35
C LEU E 115 -20.30 39.72 17.42
N VAL E 116 -19.06 39.71 16.96
CA VAL E 116 -17.87 39.75 17.78
C VAL E 116 -17.26 41.13 17.53
N THR E 117 -17.09 41.91 18.58
CA THR E 117 -16.50 43.24 18.50
C THR E 117 -15.14 43.29 19.19
N VAL E 118 -14.06 43.43 18.41
CA VAL E 118 -12.72 43.53 18.94
C VAL E 118 -12.38 45.03 19.21
N SER E 119 -12.57 45.47 20.45
CA SER E 119 -12.32 46.87 20.83
C SER E 119 -11.77 47.05 22.24
N SER E 120 -10.93 48.09 22.42
CA SER E 120 -10.38 48.41 23.74
C SER E 120 -11.39 49.28 24.53
N ALA E 121 -12.38 49.88 23.82
CA ALA E 121 -13.42 50.73 24.38
C ALA E 121 -14.36 49.95 25.30
N SER E 122 -15.02 50.67 26.22
CA SER E 122 -15.89 50.08 27.23
C SER E 122 -17.34 50.05 26.82
N THR E 123 -18.09 49.13 27.43
CA THR E 123 -19.51 48.95 27.22
C THR E 123 -20.25 50.16 27.79
N LYS E 124 -21.19 50.71 27.01
CA LYS E 124 -22.02 51.86 27.43
C LYS E 124 -23.47 51.58 27.09
N GLY E 125 -24.32 51.65 28.11
CA GLY E 125 -25.76 51.42 27.95
C GLY E 125 -26.45 52.57 27.21
N PRO E 126 -27.58 52.33 26.54
CA PRO E 126 -28.21 53.42 25.79
C PRO E 126 -29.26 54.22 26.57
N SER E 127 -29.40 55.49 26.19
CA SER E 127 -30.45 56.37 26.73
C SER E 127 -31.60 56.27 25.71
N VAL E 128 -32.84 56.07 26.16
CA VAL E 128 -34.00 55.96 25.28
C VAL E 128 -34.93 57.17 25.43
N PHE E 129 -35.13 57.92 24.34
CA PHE E 129 -36.02 59.11 24.31
C PHE E 129 -37.17 58.93 23.32
N PRO E 130 -38.40 59.42 23.64
CA PRO E 130 -39.52 59.20 22.70
C PRO E 130 -39.56 60.21 21.56
N LEU E 131 -40.05 59.77 20.40
CA LEU E 131 -40.25 60.60 19.21
C LEU E 131 -41.77 60.68 19.04
N ALA E 132 -42.37 61.62 19.78
CA ALA E 132 -43.82 61.84 19.89
C ALA E 132 -44.42 62.60 18.72
N PRO E 133 -45.63 62.19 18.26
CA PRO E 133 -46.29 62.91 17.15
C PRO E 133 -46.81 64.30 17.53
N THR E 142 -52.99 59.43 9.21
CA THR E 142 -51.84 58.59 9.54
C THR E 142 -50.71 59.42 10.21
N ALA E 143 -50.24 58.95 11.37
CA ALA E 143 -49.20 59.62 12.16
C ALA E 143 -47.95 58.77 12.34
N ALA E 144 -46.79 59.45 12.46
CA ALA E 144 -45.51 58.80 12.72
C ALA E 144 -45.04 59.07 14.15
N LEU E 145 -44.59 58.00 14.83
CA LEU E 145 -44.03 58.04 16.19
C LEU E 145 -42.88 57.04 16.32
N GLY E 146 -41.93 57.33 17.20
CA GLY E 146 -40.80 56.43 17.40
C GLY E 146 -40.04 56.56 18.70
N CYS E 147 -38.79 56.04 18.68
CA CYS E 147 -37.83 56.05 19.78
C CYS E 147 -36.46 56.39 19.29
N LEU E 148 -35.75 57.18 20.07
CA LEU E 148 -34.38 57.53 19.78
C LEU E 148 -33.50 56.79 20.82
N VAL E 149 -32.67 55.85 20.35
CA VAL E 149 -31.79 55.05 21.20
C VAL E 149 -30.43 55.68 21.03
N LYS E 150 -30.05 56.55 21.99
CA LYS E 150 -28.84 57.34 21.92
C LYS E 150 -27.70 56.87 22.84
N ASP E 151 -26.46 57.13 22.38
CA ASP E 151 -25.18 56.88 23.04
C ASP E 151 -25.02 55.50 23.65
N TYR E 152 -24.60 54.52 22.84
CA TYR E 152 -24.36 53.14 23.28
C TYR E 152 -23.15 52.54 22.62
N PHE E 153 -22.60 51.50 23.25
CA PHE E 153 -21.45 50.73 22.77
C PHE E 153 -21.40 49.34 23.40
N PRO E 154 -21.06 48.27 22.66
CA PRO E 154 -20.82 48.19 21.20
C PRO E 154 -22.14 47.92 20.53
N GLU E 155 -22.13 47.58 19.23
CA GLU E 155 -23.36 47.19 18.56
C GLU E 155 -23.76 45.76 19.01
N PRO E 156 -25.02 45.34 18.98
CA PRO E 156 -26.20 45.98 18.43
C PRO E 156 -27.29 46.28 19.48
N VAL E 157 -28.35 46.94 19.05
CA VAL E 157 -29.53 47.13 19.88
C VAL E 157 -30.67 46.43 19.17
N THR E 158 -31.60 45.87 19.94
CA THR E 158 -32.78 45.20 19.41
C THR E 158 -34.00 46.01 19.83
N VAL E 159 -34.70 46.56 18.84
CA VAL E 159 -35.91 47.31 19.05
C VAL E 159 -37.08 46.52 18.47
N SER E 160 -38.14 46.38 19.26
CA SER E 160 -39.42 45.76 18.85
C SER E 160 -40.54 46.70 19.31
N TRP E 161 -41.74 46.61 18.68
CA TRP E 161 -42.86 47.47 19.08
C TRP E 161 -44.02 46.66 19.69
N ASN E 162 -44.43 47.06 20.93
CA ASN E 162 -45.50 46.41 21.69
C ASN E 162 -45.28 44.88 21.75
N SER E 163 -44.13 44.48 22.35
CA SER E 163 -43.68 43.09 22.50
C SER E 163 -43.81 42.29 21.19
N GLY E 164 -43.39 42.92 20.10
CA GLY E 164 -43.39 42.35 18.75
C GLY E 164 -44.74 42.05 18.12
N ALA E 165 -45.83 42.63 18.64
CA ALA E 165 -47.18 42.42 18.07
C ALA E 165 -47.45 43.47 16.97
N LEU E 166 -46.71 44.61 17.03
CA LEU E 166 -46.73 45.70 16.06
C LEU E 166 -45.49 45.54 15.18
N THR E 167 -45.70 45.30 13.87
CA THR E 167 -44.59 45.12 12.93
C THR E 167 -44.76 45.96 11.66
N SER E 168 -45.99 46.00 11.08
CA SER E 168 -46.20 46.80 9.87
C SER E 168 -46.00 48.30 10.12
N GLY E 169 -45.16 48.91 9.29
CA GLY E 169 -44.82 50.32 9.40
C GLY E 169 -43.54 50.61 10.15
N VAL E 170 -42.97 49.60 10.83
CA VAL E 170 -41.74 49.77 11.60
C VAL E 170 -40.52 50.00 10.68
N HIS E 171 -39.67 50.96 11.04
CA HIS E 171 -38.43 51.25 10.33
C HIS E 171 -37.37 51.52 11.37
N THR E 172 -36.54 50.50 11.65
CA THR E 172 -35.43 50.63 12.57
C THR E 172 -34.23 50.94 11.75
N PHE E 173 -33.74 52.16 11.89
CA PHE E 173 -32.64 52.63 11.07
C PHE E 173 -31.29 52.09 11.43
N PRO E 174 -30.40 51.88 10.42
CA PRO E 174 -28.99 51.52 10.72
C PRO E 174 -28.38 52.54 11.67
N ALA E 175 -27.53 52.06 12.60
CA ALA E 175 -26.89 52.91 13.61
C ALA E 175 -25.84 53.79 13.00
N VAL E 176 -25.67 54.98 13.54
CA VAL E 176 -24.64 55.90 13.05
C VAL E 176 -23.60 56.06 14.16
N LEU E 177 -22.33 56.18 13.77
CA LEU E 177 -21.27 56.37 14.75
C LEU E 177 -20.99 57.85 14.95
N GLN E 178 -21.34 58.35 16.15
CA GLN E 178 -21.13 59.75 16.55
C GLN E 178 -19.62 59.96 16.83
N SER E 179 -19.19 61.24 16.85
CA SER E 179 -17.79 61.67 17.12
C SER E 179 -17.26 61.17 18.46
N SER E 180 -18.14 61.06 19.48
CA SER E 180 -17.85 60.55 20.82
C SER E 180 -17.40 59.08 20.79
N GLY E 181 -17.56 58.43 19.62
CA GLY E 181 -17.26 57.02 19.46
C GLY E 181 -18.40 56.17 19.99
N LEU E 182 -19.59 56.78 20.18
CA LEU E 182 -20.80 56.10 20.61
C LEU E 182 -21.88 55.99 19.50
N TYR E 183 -22.59 54.86 19.44
CA TYR E 183 -23.61 54.68 18.42
C TYR E 183 -24.91 55.32 18.82
N SER E 184 -25.74 55.66 17.81
CA SER E 184 -27.08 56.21 17.97
C SER E 184 -27.97 55.72 16.83
N LEU E 185 -29.23 55.33 17.15
CA LEU E 185 -30.21 54.94 16.14
C LEU E 185 -31.62 55.34 16.49
N SER E 186 -32.50 55.26 15.53
CA SER E 186 -33.90 55.60 15.63
C SER E 186 -34.78 54.48 15.12
N SER E 187 -35.90 54.32 15.74
CA SER E 187 -36.90 53.36 15.31
C SER E 187 -38.16 54.18 15.25
N VAL E 188 -38.90 54.05 14.14
CA VAL E 188 -40.15 54.76 13.90
C VAL E 188 -41.18 53.77 13.40
N VAL E 189 -42.43 54.15 13.53
CA VAL E 189 -43.58 53.40 13.06
C VAL E 189 -44.66 54.38 12.65
N THR E 190 -45.30 54.08 11.52
CA THR E 190 -46.42 54.86 11.03
C THR E 190 -47.68 54.10 11.41
N VAL E 191 -48.57 54.80 12.12
CA VAL E 191 -49.82 54.23 12.64
C VAL E 191 -51.04 55.13 12.30
N PRO E 192 -52.27 54.57 12.18
CA PRO E 192 -53.43 55.43 11.92
C PRO E 192 -53.75 56.33 13.12
N SER E 193 -54.11 57.60 12.86
CA SER E 193 -54.41 58.62 13.88
C SER E 193 -55.55 58.23 14.84
N SER E 194 -56.52 57.42 14.37
CA SER E 194 -57.66 56.94 15.19
C SER E 194 -57.19 56.11 16.39
N SER E 195 -56.20 55.22 16.16
CA SER E 195 -55.60 54.34 17.16
C SER E 195 -54.65 55.03 18.15
N LEU E 196 -54.56 56.38 18.12
CA LEU E 196 -53.69 57.14 19.03
C LEU E 196 -54.13 57.09 20.50
N GLY E 197 -55.42 56.84 20.73
CA GLY E 197 -56.01 56.73 22.06
C GLY E 197 -56.30 55.29 22.46
N THR E 198 -57.05 54.56 21.60
CA THR E 198 -57.45 53.15 21.79
C THR E 198 -56.26 52.18 21.95
N GLN E 199 -55.12 52.45 21.27
CA GLN E 199 -53.90 51.63 21.31
C GLN E 199 -52.72 52.36 21.94
N THR E 200 -51.99 51.66 22.82
CA THR E 200 -50.80 52.17 23.50
C THR E 200 -49.58 51.73 22.71
N TYR E 201 -48.64 52.67 22.49
CA TYR E 201 -47.42 52.43 21.74
C TYR E 201 -46.19 52.50 22.63
N ILE E 202 -45.52 51.36 22.79
CA ILE E 202 -44.30 51.19 23.58
C ILE E 202 -43.21 50.46 22.79
N CYS E 203 -41.98 50.96 22.85
CA CYS E 203 -40.84 50.34 22.19
C CYS E 203 -40.06 49.48 23.18
N ASN E 204 -39.55 48.35 22.71
CA ASN E 204 -38.80 47.47 23.57
C ASN E 204 -37.35 47.52 23.18
N VAL E 205 -36.58 48.34 23.88
CA VAL E 205 -35.17 48.44 23.58
C VAL E 205 -34.41 47.43 24.42
N ASN E 206 -33.50 46.70 23.79
CA ASN E 206 -32.63 45.77 24.48
C ASN E 206 -31.22 45.86 23.95
N HIS E 207 -30.27 46.11 24.85
CA HIS E 207 -28.84 46.18 24.55
C HIS E 207 -28.15 45.15 25.45
N LYS E 208 -28.01 43.90 24.95
CA LYS E 208 -27.41 42.76 25.64
C LYS E 208 -26.00 43.05 26.24
N PRO E 209 -25.02 43.73 25.55
CA PRO E 209 -23.70 43.98 26.19
C PRO E 209 -23.71 44.66 27.58
N SER E 210 -24.64 45.59 27.82
CA SER E 210 -24.76 46.29 29.10
C SER E 210 -25.97 45.78 29.90
N ASN E 211 -26.64 44.72 29.39
CA ASN E 211 -27.83 44.07 29.94
C ASN E 211 -28.96 45.07 30.26
N THR E 212 -29.15 46.04 29.35
CA THR E 212 -30.15 47.11 29.41
C THR E 212 -31.42 46.69 28.70
N LYS E 213 -32.57 46.87 29.35
CA LYS E 213 -33.89 46.53 28.81
C LYS E 213 -34.89 47.66 29.09
N VAL E 214 -34.73 48.79 28.38
CA VAL E 214 -35.63 49.94 28.52
C VAL E 214 -36.91 49.74 27.69
N ASP E 215 -38.07 49.97 28.32
CA ASP E 215 -39.39 49.94 27.70
C ASP E 215 -40.00 51.33 27.84
N LYS E 216 -40.23 52.01 26.69
CA LYS E 216 -40.71 53.39 26.68
C LYS E 216 -42.06 53.55 25.98
N LYS E 217 -43.02 54.18 26.69
CA LYS E 217 -44.38 54.55 26.26
C LYS E 217 -44.30 55.89 25.56
N VAL E 218 -44.93 56.01 24.38
CA VAL E 218 -44.88 57.24 23.57
C VAL E 218 -46.30 57.82 23.35
N GLU E 219 -46.50 59.13 23.73
CA GLU E 219 -47.68 60.02 23.65
C GLU E 219 -48.84 59.52 22.77
N ASP F 1 -5.29 29.09 -4.63
CA ASP F 1 -6.63 29.42 -4.17
C ASP F 1 -7.55 29.77 -5.33
N ILE F 2 -8.68 29.03 -5.47
CA ILE F 2 -9.66 29.27 -6.52
C ILE F 2 -10.36 30.56 -6.19
N GLN F 3 -10.52 31.42 -7.19
CA GLN F 3 -11.19 32.69 -6.99
C GLN F 3 -12.49 32.63 -7.74
N MET F 4 -13.55 33.14 -7.08
CA MET F 4 -14.94 33.21 -7.56
C MET F 4 -15.25 34.67 -7.75
N THR F 5 -15.52 35.06 -8.98
CA THR F 5 -15.80 36.44 -9.33
C THR F 5 -17.17 36.53 -9.92
N GLN F 6 -18.04 37.24 -9.22
CA GLN F 6 -19.41 37.47 -9.65
C GLN F 6 -19.53 38.74 -10.48
N SER F 7 -20.52 38.77 -11.37
CA SER F 7 -20.85 39.94 -12.15
C SER F 7 -22.36 39.97 -12.50
N PRO F 8 -22.98 41.16 -12.55
CA PRO F 8 -22.41 42.45 -12.12
C PRO F 8 -22.25 42.48 -10.57
N SER F 9 -21.64 43.54 -10.00
CA SER F 9 -21.57 43.73 -8.55
C SER F 9 -22.97 44.00 -7.98
N SER F 10 -23.77 44.79 -8.72
CA SER F 10 -25.14 45.16 -8.42
C SER F 10 -25.96 45.06 -9.71
N LEU F 11 -27.16 44.50 -9.60
CA LEU F 11 -28.05 44.23 -10.72
C LEU F 11 -29.41 44.78 -10.37
N SER F 12 -29.77 45.85 -11.09
CA SER F 12 -30.99 46.65 -10.90
C SER F 12 -32.00 46.41 -12.02
N ALA F 13 -33.22 45.90 -11.69
CA ALA F 13 -34.24 45.61 -12.72
C ALA F 13 -35.64 45.76 -12.17
N SER F 14 -36.65 45.59 -13.05
CA SER F 14 -38.02 45.76 -12.62
C SER F 14 -38.73 44.44 -12.22
N VAL F 15 -39.86 44.56 -11.53
CA VAL F 15 -40.65 43.40 -11.10
C VAL F 15 -41.20 42.75 -12.39
N GLY F 16 -41.05 41.43 -12.50
CA GLY F 16 -41.48 40.66 -13.65
C GLY F 16 -40.35 40.31 -14.60
N ASP F 17 -39.21 41.01 -14.47
CA ASP F 17 -38.02 40.84 -15.29
C ASP F 17 -37.23 39.59 -15.02
N ARG F 18 -36.60 39.06 -16.08
CA ARG F 18 -35.69 37.92 -16.02
C ARG F 18 -34.30 38.50 -15.84
N VAL F 19 -33.63 38.14 -14.72
CA VAL F 19 -32.28 38.58 -14.40
C VAL F 19 -31.36 37.39 -14.24
N THR F 20 -30.07 37.54 -14.55
CA THR F 20 -29.08 36.48 -14.42
C THR F 20 -27.75 37.00 -13.81
N ILE F 21 -27.30 36.37 -12.68
CA ILE F 21 -26.03 36.62 -12.00
C ILE F 21 -25.03 35.59 -12.51
N THR F 22 -23.80 36.05 -12.78
CA THR F 22 -22.75 35.19 -13.32
C THR F 22 -21.62 35.07 -12.31
N CYS F 23 -21.16 33.84 -12.10
CA CYS F 23 -20.02 33.56 -11.29
C CYS F 23 -18.98 32.90 -12.14
N ARG F 24 -17.79 33.51 -12.20
CA ARG F 24 -16.66 33.05 -12.99
C ARG F 24 -15.55 32.53 -12.08
N ALA F 25 -15.12 31.28 -12.33
CA ALA F 25 -14.07 30.57 -11.57
C ALA F 25 -12.69 30.80 -12.16
N SER F 26 -11.67 30.94 -11.30
CA SER F 26 -10.28 31.12 -11.75
C SER F 26 -9.69 29.87 -12.44
N GLN F 27 -10.35 28.70 -12.31
CA GLN F 27 -9.95 27.42 -12.96
C GLN F 27 -11.18 26.53 -13.17
N PHE F 28 -11.06 25.51 -14.05
CA PHE F 28 -12.13 24.57 -14.36
C PHE F 28 -12.58 23.84 -13.09
N LEU F 29 -13.89 23.82 -12.84
CA LEU F 29 -14.43 23.17 -11.65
C LEU F 29 -15.34 21.99 -11.98
N SER F 30 -15.66 21.21 -10.93
CA SER F 30 -16.65 20.14 -11.00
C SER F 30 -17.92 20.90 -10.62
N SER F 31 -18.98 20.68 -11.36
CA SER F 31 -20.26 21.33 -11.18
C SER F 31 -20.92 21.03 -9.85
N PHE F 32 -20.66 19.82 -9.27
CA PHE F 32 -21.26 19.42 -7.98
C PHE F 32 -20.76 20.26 -6.82
N GLY F 33 -19.59 20.86 -7.02
CA GLY F 33 -18.96 21.74 -6.05
C GLY F 33 -19.40 23.19 -6.05
N VAL F 34 -20.42 23.57 -6.85
CA VAL F 34 -20.92 24.96 -6.96
C VAL F 34 -22.31 25.16 -6.32
N ALA F 35 -22.41 26.11 -5.38
CA ALA F 35 -23.69 26.42 -4.74
C ALA F 35 -23.98 27.93 -4.73
N TRP F 36 -25.26 28.29 -4.59
CA TRP F 36 -25.74 29.67 -4.56
C TRP F 36 -26.57 29.92 -3.32
N TYR F 37 -26.37 31.11 -2.73
CA TYR F 37 -27.06 31.53 -1.52
C TYR F 37 -27.53 32.98 -1.68
N GLN F 38 -28.64 33.28 -1.02
CA GLN F 38 -29.31 34.54 -0.91
C GLN F 38 -29.22 35.03 0.59
N GLN F 39 -28.85 36.32 0.78
CA GLN F 39 -28.77 36.93 2.10
C GLN F 39 -29.48 38.28 2.16
N LYS F 40 -30.58 38.33 2.95
CA LYS F 40 -31.36 39.53 3.18
C LYS F 40 -30.64 40.33 4.27
N PRO F 41 -30.72 41.70 4.27
CA PRO F 41 -29.89 42.47 5.24
C PRO F 41 -30.05 42.07 6.71
N GLY F 42 -28.90 41.90 7.39
CA GLY F 42 -28.82 41.50 8.79
C GLY F 42 -29.46 40.15 9.10
N LYS F 43 -29.37 39.22 8.14
CA LYS F 43 -29.96 37.90 8.26
C LYS F 43 -28.97 36.86 7.77
N ALA F 44 -29.11 35.63 8.26
CA ALA F 44 -28.21 34.56 7.86
C ALA F 44 -28.49 34.17 6.38
N PRO F 45 -27.43 33.79 5.62
CA PRO F 45 -27.64 33.33 4.25
C PRO F 45 -28.59 32.13 4.17
N LYS F 46 -29.33 32.01 3.04
CA LYS F 46 -30.23 30.88 2.80
C LYS F 46 -29.80 30.16 1.53
N LEU F 47 -29.78 28.81 1.55
CA LEU F 47 -29.43 27.99 0.37
C LEU F 47 -30.49 28.08 -0.71
N LEU F 48 -30.07 28.35 -1.96
CA LEU F 48 -30.97 28.37 -3.13
C LEU F 48 -30.70 27.17 -4.07
N ILE F 49 -29.47 27.11 -4.60
CA ILE F 49 -29.01 26.11 -5.58
C ILE F 49 -27.78 25.40 -5.10
N TYR F 50 -27.74 24.08 -5.31
CA TYR F 50 -26.58 23.26 -4.99
C TYR F 50 -26.26 22.42 -6.21
N GLY F 51 -24.99 22.05 -6.34
CA GLY F 51 -24.49 21.26 -7.46
C GLY F 51 -24.77 21.92 -8.80
N ALA F 52 -24.59 23.26 -8.83
CA ALA F 52 -24.76 24.19 -9.97
C ALA F 52 -26.18 24.30 -10.48
N SER F 53 -26.96 23.22 -10.55
CA SER F 53 -28.31 23.27 -11.12
C SER F 53 -29.46 22.75 -10.22
N SER F 54 -29.18 22.14 -9.05
CA SER F 54 -30.24 21.59 -8.22
C SER F 54 -30.87 22.60 -7.30
N LEU F 55 -32.18 22.74 -7.43
CA LEU F 55 -32.99 23.66 -6.65
C LEU F 55 -33.30 23.04 -5.33
N TYR F 56 -32.97 23.74 -4.26
CA TYR F 56 -33.22 23.31 -2.90
C TYR F 56 -34.69 23.32 -2.59
N SER F 57 -35.16 22.33 -1.83
CA SER F 57 -36.57 22.20 -1.43
C SER F 57 -37.10 23.42 -0.71
N GLY F 58 -38.26 23.90 -1.12
CA GLY F 58 -38.89 25.05 -0.50
C GLY F 58 -38.57 26.37 -1.16
N VAL F 59 -37.57 26.39 -2.08
CA VAL F 59 -37.15 27.60 -2.77
C VAL F 59 -38.06 27.75 -4.00
N PRO F 60 -38.59 28.98 -4.26
CA PRO F 60 -39.45 29.18 -5.44
C PRO F 60 -38.83 28.75 -6.76
N SER F 61 -39.67 28.23 -7.69
CA SER F 61 -39.28 27.77 -9.03
C SER F 61 -38.73 28.88 -9.93
N ARG F 62 -38.99 30.17 -9.60
CA ARG F 62 -38.45 31.29 -10.38
C ARG F 62 -36.91 31.32 -10.34
N PHE F 63 -36.33 30.54 -9.39
CA PHE F 63 -34.91 30.38 -9.25
C PHE F 63 -34.39 29.13 -9.98
N SER F 64 -33.25 29.29 -10.67
CA SER F 64 -32.58 28.22 -11.41
C SER F 64 -31.12 28.55 -11.51
N GLY F 65 -30.32 27.52 -11.71
CA GLY F 65 -28.87 27.65 -11.80
C GLY F 65 -28.33 26.80 -12.92
N SER F 66 -27.28 27.25 -13.56
CA SER F 66 -26.67 26.52 -14.65
C SER F 66 -25.18 26.80 -14.77
N GLY F 67 -24.56 26.14 -15.74
CA GLY F 67 -23.16 26.31 -16.07
C GLY F 67 -22.29 25.10 -15.91
N SER F 68 -21.04 25.23 -16.35
CA SER F 68 -19.99 24.22 -16.27
C SER F 68 -18.63 24.87 -16.49
N GLY F 69 -17.59 24.17 -16.05
CA GLY F 69 -16.21 24.62 -16.21
C GLY F 69 -15.85 25.80 -15.36
N THR F 70 -15.87 26.99 -15.98
CA THR F 70 -15.52 28.23 -15.29
C THR F 70 -16.72 29.18 -15.16
N ASP F 71 -17.77 28.98 -15.99
CA ASP F 71 -18.90 29.90 -15.93
C ASP F 71 -20.18 29.24 -15.42
N PHE F 72 -20.66 29.79 -14.30
CA PHE F 72 -21.86 29.37 -13.61
C PHE F 72 -22.78 30.56 -13.48
N THR F 73 -24.10 30.30 -13.60
CA THR F 73 -25.08 31.38 -13.55
C THR F 73 -26.23 31.03 -12.65
N LEU F 74 -26.93 32.06 -12.14
CA LEU F 74 -28.13 31.99 -11.32
C LEU F 74 -29.13 32.91 -11.98
N THR F 75 -30.33 32.36 -12.31
CA THR F 75 -31.39 33.08 -12.97
C THR F 75 -32.62 33.16 -12.08
N ILE F 76 -33.25 34.34 -12.06
CA ILE F 76 -34.52 34.63 -11.41
C ILE F 76 -35.35 34.99 -12.62
N SER F 77 -36.28 34.10 -12.99
CA SER F 77 -37.10 34.23 -14.19
C SER F 77 -38.07 35.41 -14.15
N SER F 78 -38.60 35.73 -12.95
CA SER F 78 -39.55 36.81 -12.76
C SER F 78 -39.23 37.47 -11.42
N LEU F 79 -38.41 38.53 -11.45
CA LEU F 79 -37.95 39.25 -10.27
C LEU F 79 -39.11 39.78 -9.45
N GLN F 80 -39.01 39.61 -8.12
CA GLN F 80 -40.04 39.98 -7.16
C GLN F 80 -39.49 40.95 -6.13
N PRO F 81 -40.34 41.75 -5.42
CA PRO F 81 -39.77 42.73 -4.45
C PRO F 81 -38.95 42.06 -3.34
N GLU F 82 -39.42 40.88 -2.85
CA GLU F 82 -38.77 40.08 -1.80
C GLU F 82 -37.41 39.56 -2.24
N ASP F 83 -37.12 39.53 -3.55
CA ASP F 83 -35.86 39.08 -4.13
C ASP F 83 -34.69 40.07 -3.92
N PHE F 84 -34.95 41.21 -3.26
CA PHE F 84 -33.96 42.18 -2.84
C PHE F 84 -33.11 41.44 -1.83
N ALA F 85 -31.81 41.32 -2.15
CA ALA F 85 -30.85 40.57 -1.35
C ALA F 85 -29.50 40.65 -2.00
N THR F 86 -28.47 40.09 -1.33
CA THR F 86 -27.14 39.94 -1.89
C THR F 86 -27.01 38.46 -2.16
N TYR F 87 -26.57 38.10 -3.37
CA TYR F 87 -26.43 36.72 -3.80
C TYR F 87 -24.97 36.37 -3.90
N TYR F 88 -24.59 35.19 -3.35
CA TYR F 88 -23.22 34.69 -3.33
C TYR F 88 -23.20 33.31 -3.93
N CYS F 89 -22.13 33.02 -4.65
CA CYS F 89 -21.86 31.69 -5.16
C CYS F 89 -20.75 31.17 -4.25
N GLN F 90 -20.66 29.84 -4.12
CA GLN F 90 -19.61 29.26 -3.32
C GLN F 90 -19.12 27.96 -3.94
N GLN F 91 -17.78 27.76 -3.95
CA GLN F 91 -17.21 26.49 -4.35
C GLN F 91 -16.83 25.72 -3.06
N GLY F 92 -17.39 24.51 -2.91
CA GLY F 92 -17.18 23.70 -1.71
C GLY F 92 -16.41 22.41 -1.85
N LEU F 93 -15.75 22.17 -3.01
CA LEU F 93 -15.00 20.95 -3.30
C LEU F 93 -13.52 21.04 -2.99
N LEU F 94 -12.84 21.95 -3.67
CA LEU F 94 -11.41 22.13 -3.56
C LEU F 94 -11.05 23.07 -2.45
N SER F 95 -9.93 22.80 -1.77
CA SER F 95 -9.47 23.60 -0.64
C SER F 95 -8.70 24.84 -1.12
N PRO F 96 -8.93 26.02 -0.50
CA PRO F 96 -9.89 26.28 0.58
C PRO F 96 -11.27 26.59 -0.01
N LEU F 97 -12.32 26.34 0.76
CA LEU F 97 -13.67 26.60 0.29
C LEU F 97 -13.79 28.11 0.23
N THR F 98 -14.42 28.63 -0.82
CA THR F 98 -14.43 30.07 -1.03
C THR F 98 -15.77 30.58 -1.58
N PHE F 99 -16.13 31.80 -1.17
CA PHE F 99 -17.35 32.49 -1.60
C PHE F 99 -17.01 33.56 -2.60
N GLY F 100 -17.96 33.87 -3.48
CA GLY F 100 -17.81 34.98 -4.41
C GLY F 100 -17.98 36.29 -3.67
N GLN F 101 -17.62 37.38 -4.33
CA GLN F 101 -17.67 38.79 -3.87
C GLN F 101 -19.09 39.22 -3.50
N GLY F 102 -20.09 38.69 -4.20
CA GLY F 102 -21.50 39.03 -4.00
C GLY F 102 -22.06 39.93 -5.09
N THR F 103 -23.38 39.81 -5.36
CA THR F 103 -24.15 40.60 -6.32
C THR F 103 -25.36 41.12 -5.57
N LYS F 104 -25.48 42.46 -5.49
CA LYS F 104 -26.61 43.08 -4.80
C LYS F 104 -27.75 43.23 -5.81
N VAL F 105 -28.92 42.64 -5.50
CA VAL F 105 -30.05 42.79 -6.41
C VAL F 105 -30.93 43.86 -5.84
N GLU F 106 -31.17 44.93 -6.63
CA GLU F 106 -32.07 46.05 -6.30
C GLU F 106 -33.24 46.05 -7.30
N ILE F 107 -34.35 46.66 -6.90
CA ILE F 107 -35.61 46.74 -7.65
C ILE F 107 -35.87 48.14 -8.11
N LYS F 108 -36.04 48.30 -9.42
CA LYS F 108 -36.45 49.55 -9.99
C LYS F 108 -37.97 49.52 -9.91
N ARG F 109 -38.54 50.70 -9.59
CA ARG F 109 -39.97 50.94 -9.43
C ARG F 109 -40.25 52.40 -9.77
N THR F 110 -41.53 52.78 -9.68
CA THR F 110 -41.98 54.12 -10.01
C THR F 110 -41.49 55.09 -8.95
N VAL F 111 -41.31 56.36 -9.37
CA VAL F 111 -40.92 57.41 -8.46
C VAL F 111 -42.02 57.58 -7.38
N ALA F 112 -41.63 57.64 -6.10
CA ALA F 112 -42.56 57.90 -5.00
C ALA F 112 -41.87 58.94 -4.12
N ALA F 113 -42.58 60.02 -3.79
CA ALA F 113 -42.07 61.12 -2.96
C ALA F 113 -42.12 60.73 -1.47
N PRO F 114 -41.17 61.22 -0.66
CA PRO F 114 -41.21 60.90 0.77
C PRO F 114 -42.30 61.65 1.55
N SER F 115 -42.92 60.97 2.55
CA SER F 115 -43.85 61.58 3.52
C SER F 115 -42.91 62.10 4.65
N VAL F 116 -42.82 63.42 4.82
CA VAL F 116 -41.91 64.02 5.78
C VAL F 116 -42.55 64.26 7.18
N PHE F 117 -41.75 64.07 8.26
CA PHE F 117 -42.12 64.22 9.66
C PHE F 117 -40.98 64.85 10.44
N ILE F 118 -41.30 65.73 11.39
CA ILE F 118 -40.33 66.39 12.26
C ILE F 118 -40.70 66.05 13.69
N PHE F 119 -39.68 65.76 14.50
CA PHE F 119 -39.85 65.40 15.90
C PHE F 119 -39.00 66.33 16.76
N PRO F 120 -39.63 67.00 17.75
CA PRO F 120 -38.85 67.90 18.63
C PRO F 120 -38.08 67.08 19.68
N PRO F 121 -37.01 67.63 20.28
CA PRO F 121 -36.30 66.86 21.33
C PRO F 121 -37.19 66.69 22.55
N SER F 122 -37.12 65.53 23.21
CA SER F 122 -37.93 65.23 24.40
C SER F 122 -37.47 66.04 25.62
N ASP F 123 -38.36 66.12 26.63
CA ASP F 123 -38.15 66.80 27.91
C ASP F 123 -36.97 66.13 28.63
N GLU F 124 -37.01 64.77 28.71
CA GLU F 124 -36.00 63.89 29.34
C GLU F 124 -34.59 64.23 28.85
N GLN F 125 -34.41 64.30 27.53
CA GLN F 125 -33.13 64.60 26.87
C GLN F 125 -32.65 66.01 27.15
N LEU F 126 -33.59 66.97 27.22
CA LEU F 126 -33.30 68.38 27.48
C LEU F 126 -32.68 68.53 28.89
N LYS F 127 -33.19 67.72 29.85
CA LYS F 127 -32.68 67.68 31.24
C LYS F 127 -31.21 67.22 31.29
N SER F 128 -30.77 66.42 30.29
CA SER F 128 -29.41 65.89 30.17
C SER F 128 -28.42 66.89 29.55
N GLY F 129 -28.94 67.94 28.90
CA GLY F 129 -28.12 68.99 28.29
C GLY F 129 -27.80 68.87 26.81
N THR F 130 -28.58 68.04 26.09
CA THR F 130 -28.44 67.79 24.65
C THR F 130 -29.85 67.78 24.03
N ALA F 131 -29.94 68.25 22.77
CA ALA F 131 -31.18 68.30 22.00
C ALA F 131 -30.98 67.60 20.65
N SER F 132 -31.78 66.57 20.43
CA SER F 132 -31.76 65.81 19.20
C SER F 132 -33.07 66.06 18.48
N VAL F 133 -32.98 66.78 17.37
CA VAL F 133 -34.12 67.10 16.53
C VAL F 133 -34.03 66.09 15.39
N VAL F 134 -35.03 65.19 15.25
CA VAL F 134 -34.94 64.18 14.17
C VAL F 134 -35.97 64.45 13.09
N CYS F 135 -35.59 64.11 11.84
CA CYS F 135 -36.44 64.25 10.68
C CYS F 135 -36.58 62.93 9.95
N LEU F 136 -37.81 62.49 9.76
CA LEU F 136 -38.09 61.24 9.06
C LEU F 136 -38.63 61.50 7.63
N LEU F 137 -38.06 60.79 6.65
CA LEU F 137 -38.44 60.82 5.23
C LEU F 137 -38.95 59.41 4.97
N ASN F 138 -40.26 59.25 4.88
CA ASN F 138 -40.83 57.92 4.80
C ASN F 138 -41.30 57.47 3.44
N ASN F 139 -40.94 56.24 3.08
CA ASN F 139 -41.33 55.48 1.92
C ASN F 139 -41.30 56.21 0.59
N PHE F 140 -40.07 56.42 0.10
CA PHE F 140 -39.77 57.06 -1.17
C PHE F 140 -38.90 56.18 -2.08
N TYR F 141 -38.86 56.55 -3.36
CA TYR F 141 -38.05 55.98 -4.42
C TYR F 141 -37.76 57.08 -5.53
N PRO F 142 -36.52 57.20 -6.11
CA PRO F 142 -35.24 56.50 -5.80
C PRO F 142 -34.64 56.88 -4.44
N ARG F 143 -33.52 56.23 -4.01
CA ARG F 143 -32.92 56.49 -2.70
C ARG F 143 -32.26 57.90 -2.53
N GLU F 144 -31.94 58.57 -3.64
CA GLU F 144 -31.32 59.90 -3.58
C GLU F 144 -32.32 60.94 -3.15
N ALA F 145 -31.99 61.65 -2.08
CA ALA F 145 -32.82 62.70 -1.49
C ALA F 145 -31.91 63.60 -0.65
N LYS F 146 -32.28 64.87 -0.54
CA LYS F 146 -31.54 65.88 0.21
C LYS F 146 -32.40 66.44 1.36
N VAL F 147 -31.76 66.60 2.53
CA VAL F 147 -32.38 67.16 3.75
C VAL F 147 -31.54 68.37 4.15
N GLN F 148 -32.18 69.54 4.28
CA GLN F 148 -31.51 70.75 4.74
C GLN F 148 -32.12 71.21 6.05
N TRP F 149 -31.28 71.52 7.04
CA TRP F 149 -31.76 72.02 8.33
C TRP F 149 -31.60 73.54 8.32
N LYS F 150 -32.70 74.22 8.61
CA LYS F 150 -32.84 75.66 8.73
C LYS F 150 -33.33 75.97 10.15
N VAL F 151 -32.49 76.64 10.96
CA VAL F 151 -32.82 77.06 12.33
C VAL F 151 -32.96 78.59 12.31
N ASP F 152 -34.18 79.10 12.48
CA ASP F 152 -34.46 80.54 12.38
C ASP F 152 -33.94 81.08 11.05
N ASN F 153 -34.32 80.37 9.95
CA ASN F 153 -34.07 80.68 8.55
C ASN F 153 -32.56 80.68 8.16
N ALA F 154 -31.73 80.06 8.98
CA ALA F 154 -30.33 79.94 8.64
C ALA F 154 -30.00 78.45 8.47
N LEU F 155 -29.33 78.14 7.35
CA LEU F 155 -28.82 76.81 7.02
C LEU F 155 -27.84 76.29 8.07
N GLN F 156 -28.03 75.03 8.50
CA GLN F 156 -27.20 74.31 9.48
C GLN F 156 -26.20 73.40 8.78
N SER F 157 -24.93 73.36 9.27
CA SER F 157 -23.84 72.52 8.70
C SER F 157 -23.02 71.80 9.77
N GLY F 158 -22.57 70.59 9.43
CA GLY F 158 -21.74 69.74 10.28
C GLY F 158 -22.33 69.32 11.61
N ASN F 159 -23.64 69.57 11.83
CA ASN F 159 -24.32 69.28 13.11
C ASN F 159 -25.43 68.24 13.01
N SER F 160 -25.45 67.53 11.88
CA SER F 160 -26.45 66.50 11.58
C SER F 160 -25.79 65.23 11.01
N GLN F 161 -26.49 64.10 11.12
CA GLN F 161 -26.08 62.80 10.62
C GLN F 161 -27.32 62.13 10.10
N GLU F 162 -27.18 61.38 8.98
CA GLU F 162 -28.33 60.67 8.44
C GLU F 162 -28.05 59.22 8.24
N SER F 163 -29.10 58.43 8.18
CA SER F 163 -29.11 56.99 8.07
C SER F 163 -30.25 56.60 7.14
N VAL F 164 -30.00 55.64 6.26
CA VAL F 164 -30.98 55.19 5.26
C VAL F 164 -31.29 53.72 5.48
N THR F 165 -32.56 53.39 5.36
CA THR F 165 -33.07 52.04 5.49
C THR F 165 -32.77 51.24 4.22
N GLU F 166 -32.72 49.92 4.33
CA GLU F 166 -32.46 49.08 3.13
C GLU F 166 -33.77 48.99 2.36
N GLN F 167 -33.68 48.81 1.04
CA GLN F 167 -34.89 48.72 0.20
C GLN F 167 -35.92 47.78 0.81
N ASP F 168 -37.19 48.20 0.86
CA ASP F 168 -38.26 47.41 1.47
C ASP F 168 -38.60 46.19 0.64
N SER F 169 -38.80 45.05 1.32
CA SER F 169 -39.07 43.75 0.71
C SER F 169 -40.49 43.64 0.11
N LYS F 170 -41.38 44.62 0.40
CA LYS F 170 -42.76 44.61 -0.10
C LYS F 170 -43.01 45.74 -1.08
N ASP F 171 -42.71 47.01 -0.70
CA ASP F 171 -43.00 48.12 -1.61
C ASP F 171 -41.77 48.68 -2.36
N SER F 172 -40.54 48.12 -2.15
CA SER F 172 -39.30 48.54 -2.83
C SER F 172 -38.87 50.00 -2.55
N THR F 173 -39.40 50.61 -1.47
CA THR F 173 -39.05 51.99 -1.13
C THR F 173 -37.98 52.06 -0.01
N TYR F 174 -37.39 53.26 0.16
CA TYR F 174 -36.43 53.58 1.20
C TYR F 174 -37.11 54.53 2.19
N SER F 175 -36.46 54.73 3.34
CA SER F 175 -36.84 55.67 4.40
C SER F 175 -35.52 56.17 4.94
N LEU F 176 -35.51 57.45 5.30
CA LEU F 176 -34.27 58.03 5.82
C LEU F 176 -34.60 58.88 7.02
N SER F 177 -33.65 58.89 7.96
CA SER F 177 -33.73 59.68 9.18
C SER F 177 -32.53 60.61 9.24
N SER F 178 -32.75 61.92 9.45
CA SER F 178 -31.67 62.90 9.60
C SER F 178 -31.74 63.50 11.02
N THR F 179 -30.65 63.48 11.79
CA THR F 179 -30.69 63.97 13.18
C THR F 179 -29.85 65.19 13.35
N LEU F 180 -30.46 66.27 13.81
CA LEU F 180 -29.76 67.51 14.11
C LEU F 180 -29.44 67.46 15.62
N THR F 181 -28.14 67.46 16.01
CA THR F 181 -27.77 67.42 17.44
C THR F 181 -27.12 68.75 17.89
N LEU F 182 -27.70 69.35 18.96
CA LEU F 182 -27.25 70.62 19.56
C LEU F 182 -27.32 70.59 21.08
N SER F 183 -26.44 71.39 21.74
CA SER F 183 -26.42 71.51 23.22
C SER F 183 -27.72 72.20 23.69
N LYS F 184 -28.14 72.00 24.96
CA LYS F 184 -29.34 72.65 25.49
C LYS F 184 -29.24 74.18 25.31
N ALA F 185 -28.02 74.74 25.57
CA ALA F 185 -27.69 76.16 25.43
C ALA F 185 -28.01 76.69 24.03
N ASP F 186 -27.52 76.01 22.97
CA ASP F 186 -27.78 76.39 21.57
C ASP F 186 -29.24 76.26 21.18
N TYR F 187 -29.91 75.20 21.65
CA TYR F 187 -31.32 74.96 21.38
C TYR F 187 -32.22 76.06 21.99
N GLU F 188 -31.85 76.60 23.17
CA GLU F 188 -32.58 77.65 23.88
C GLU F 188 -32.48 79.02 23.15
N LYS F 189 -31.39 79.24 22.39
CA LYS F 189 -31.13 80.46 21.63
C LYS F 189 -32.07 80.69 20.42
N HIS F 190 -32.81 79.64 19.93
CA HIS F 190 -33.59 79.75 18.69
C HIS F 190 -35.05 79.31 18.75
N LYS F 191 -35.87 79.77 17.79
CA LYS F 191 -37.31 79.50 17.81
C LYS F 191 -37.80 78.45 16.82
N VAL F 192 -37.44 78.62 15.54
CA VAL F 192 -37.95 77.78 14.46
C VAL F 192 -36.92 76.74 13.96
N TYR F 193 -37.33 75.48 14.04
CA TYR F 193 -36.56 74.32 13.60
C TYR F 193 -37.23 73.76 12.39
N ALA F 194 -36.62 74.03 11.24
CA ALA F 194 -37.16 73.61 9.94
C ALA F 194 -36.31 72.55 9.28
N CYS F 195 -37.03 71.61 8.68
CA CYS F 195 -36.56 70.45 7.94
C CYS F 195 -36.95 70.60 6.45
N GLU F 196 -35.98 70.90 5.51
CA GLU F 196 -36.31 71.08 4.10
C GLU F 196 -35.93 69.85 3.26
N VAL F 197 -36.95 69.23 2.66
CA VAL F 197 -36.80 68.01 1.87
C VAL F 197 -36.96 68.26 0.37
N THR F 198 -35.97 67.74 -0.37
CA THR F 198 -35.84 67.79 -1.82
C THR F 198 -35.70 66.33 -2.36
N HIS F 199 -36.44 66.02 -3.44
CA HIS F 199 -36.50 64.69 -4.07
C HIS F 199 -37.09 64.80 -5.49
N GLN F 200 -36.81 63.83 -6.37
CA GLN F 200 -37.29 63.80 -7.76
C GLN F 200 -38.80 63.74 -7.85
N GLY F 201 -39.44 63.05 -6.89
CA GLY F 201 -40.89 62.96 -6.86
C GLY F 201 -41.58 64.20 -6.33
N LEU F 202 -40.78 65.20 -5.93
CA LEU F 202 -41.26 66.47 -5.39
C LEU F 202 -40.99 67.60 -6.40
N SER F 203 -42.03 68.35 -6.77
CA SER F 203 -41.92 69.48 -7.72
C SER F 203 -41.40 70.73 -7.02
N SER F 204 -41.83 70.92 -5.77
CA SER F 204 -41.45 71.98 -4.84
C SER F 204 -40.92 71.29 -3.55
N PRO F 205 -39.92 71.88 -2.85
CA PRO F 205 -39.46 71.29 -1.59
C PRO F 205 -40.54 71.26 -0.52
N VAL F 206 -40.49 70.28 0.40
CA VAL F 206 -41.45 70.25 1.50
C VAL F 206 -40.72 70.56 2.81
N THR F 207 -41.35 71.41 3.64
CA THR F 207 -40.79 71.82 4.91
C THR F 207 -41.68 71.37 6.04
N LYS F 208 -41.06 70.86 7.09
CA LYS F 208 -41.71 70.48 8.34
C LYS F 208 -41.02 71.29 9.42
N SER F 209 -41.84 71.96 10.25
CA SER F 209 -41.36 72.88 11.27
C SER F 209 -42.06 72.78 12.60
N PHE F 210 -41.44 73.45 13.60
CA PHE F 210 -41.95 73.63 14.95
C PHE F 210 -41.27 74.81 15.59
N ASN F 211 -41.96 75.40 16.60
CA ASN F 211 -41.47 76.49 17.43
C ASN F 211 -41.25 75.94 18.86
N ARG F 212 -40.59 76.73 19.73
CA ARG F 212 -40.22 76.49 21.15
C ARG F 212 -38.79 75.99 21.26
N GLY F 213 -38.02 76.59 22.16
CA GLY F 213 -36.61 76.37 22.40
C GLY F 213 -35.92 77.69 22.69
S SO4 G . -39.47 35.48 -20.43
O1 SO4 G . -40.06 35.56 -19.10
O2 SO4 G . -38.17 36.22 -20.51
O3 SO4 G . -39.25 34.05 -20.74
O4 SO4 G . -40.40 36.05 -21.41
#